data_2EJD
#
_entry.id   2EJD
#
_cell.length_a   101.661
_cell.length_b   101.661
_cell.length_c   279.261
_cell.angle_alpha   90.00
_cell.angle_beta   90.00
_cell.angle_gamma   120.00
#
_symmetry.space_group_name_H-M   'H 3'
#
loop_
_entity.id
_entity.type
_entity.pdbx_description
1 polymer '1-pyrroline-5-carboxylate dehydrogenase'
2 non-polymer 'ACETATE ION'
3 non-polymer 'SODIUM ION'
4 non-polymer ALANINE
5 non-polymer (4S)-2-METHYL-2,4-PENTANEDIOL
6 water water
#
_entity_poly.entity_id   1
_entity_poly.type   'polypeptide(L)'
_entity_poly.pdbx_seq_one_letter_code
;MTVEPFRNEPIETFQTEEARRAMREALRRVREEFGRHYPLYIGGEWVDTKERMVSLNPSAPSEVVGTTAKAGKAEAEAAL
EAAWKAFKTWKDWPQEDRSRLLLKAAALMRRRKRELEATLVYEVGKNWVEASADVAEAIDFIEYYARAALRYRYPAVEVV
PYPGEDNESFYVPLGAGVVIAPWNFPVAIFTGMIVGPVAVGNTVIAKPAEDAVVVGAKVFEIFHEAGFPPGVVNFLPGVG
EEVGAYLVEHPRIRFINFTGSLEVGLKIYEAAGRLAPGQTWFKRAYVETGGKDAIIVDETADFDLAAEGVVVSAYGFQGQ
K(CSO)SAASRLILTQGAYEPVLERVLKRAERLSVGPAEENPDLGPVVSAEQERKVLSYIEIGKNEGQLVLGGKRLEGEG
YFIAPTVFTEVPPKARIAQEEIFGPVLSVIRVKDFAEALEVANDTPYGLTGGVYSRKREHLEWARREFHVGNLYFNRKIT
GALVGVQPFGGFKLSGTNAKTGALDYLRLFLEMKAVAERF
;
_entity_poly.pdbx_strand_id   A,B
#
loop_
_chem_comp.id
_chem_comp.type
_chem_comp.name
_chem_comp.formula
ACT non-polymer 'ACETATE ION' 'C2 H3 O2 -1'
MPD non-polymer (4S)-2-METHYL-2,4-PENTANEDIOL 'C6 H14 O2'
NA non-polymer 'SODIUM ION' 'Na 1'
#
# COMPACT_ATOMS: atom_id res chain seq x y z
N MET A 1 -13.96 -18.39 -17.41
CA MET A 1 -13.20 -18.52 -18.69
C MET A 1 -11.96 -19.42 -18.49
N THR A 2 -11.65 -20.31 -19.45
CA THR A 2 -10.54 -21.25 -19.27
C THR A 2 -9.56 -21.16 -20.44
N VAL A 3 -8.30 -20.89 -20.10
CA VAL A 3 -7.24 -20.79 -21.07
C VAL A 3 -6.12 -21.70 -20.61
N GLU A 4 -5.11 -21.89 -21.46
CA GLU A 4 -3.94 -22.72 -21.08
C GLU A 4 -3.24 -22.11 -19.87
N PRO A 5 -2.59 -22.95 -19.03
CA PRO A 5 -1.77 -22.37 -17.96
C PRO A 5 -0.76 -21.41 -18.53
N PHE A 6 -0.47 -20.35 -17.79
CA PHE A 6 0.51 -19.36 -18.22
C PHE A 6 1.86 -20.03 -18.50
N ARG A 7 2.48 -19.67 -19.63
CA ARG A 7 3.88 -19.92 -19.93
C ARG A 7 4.46 -18.60 -20.41
N ASN A 8 5.75 -18.37 -20.16
CA ASN A 8 6.46 -17.19 -20.73
C ASN A 8 6.63 -17.26 -22.24
N GLU A 9 6.50 -16.12 -22.91
CA GLU A 9 6.71 -16.00 -24.34
C GLU A 9 8.19 -16.26 -24.61
N PRO A 10 8.52 -17.22 -25.51
CA PRO A 10 9.93 -17.52 -25.74
C PRO A 10 10.64 -16.28 -26.30
N ILE A 11 11.86 -16.05 -25.85
CA ILE A 11 12.69 -14.94 -26.34
C ILE A 11 13.44 -15.39 -27.59
N GLU A 12 13.28 -14.65 -28.69
CA GLU A 12 13.93 -15.03 -29.94
C GLU A 12 15.45 -14.80 -29.84
N THR A 13 16.22 -15.80 -30.26
CA THR A 13 17.67 -15.68 -30.34
C THR A 13 18.19 -15.39 -31.77
N PHE A 14 17.34 -15.55 -32.80
CA PHE A 14 17.74 -15.26 -34.17
C PHE A 14 18.87 -16.19 -34.67
N GLN A 15 18.88 -17.42 -34.19
CA GLN A 15 19.83 -18.43 -34.64
C GLN A 15 19.42 -19.15 -35.93
N THR A 16 18.13 -19.12 -36.25
CA THR A 16 17.64 -19.80 -37.44
C THR A 16 17.52 -18.83 -38.61
N GLU A 17 17.60 -19.35 -39.83
CA GLU A 17 17.50 -18.50 -41.00
C GLU A 17 16.12 -17.87 -41.07
N GLU A 18 15.10 -18.64 -40.69
CA GLU A 18 13.73 -18.12 -40.67
C GLU A 18 13.64 -16.86 -39.80
N ALA A 19 14.21 -16.92 -38.59
CA ALA A 19 14.13 -15.80 -37.63
C ALA A 19 14.87 -14.55 -38.12
N ARG A 20 16.06 -14.76 -38.68
CA ARG A 20 16.85 -13.66 -39.27
C ARG A 20 16.09 -13.02 -40.42
N ARG A 21 15.50 -13.86 -41.28
CA ARG A 21 14.79 -13.35 -42.42
C ARG A 21 13.61 -12.48 -41.97
N ALA A 22 12.82 -12.99 -41.03
CA ALA A 22 11.70 -12.25 -40.47
C ALA A 22 12.15 -10.90 -39.86
N MET A 23 13.26 -10.93 -39.13
CA MET A 23 13.76 -9.72 -38.43
C MET A 23 14.30 -8.68 -39.42
N ARG A 24 15.08 -9.13 -40.41
CA ARG A 24 15.58 -8.21 -41.45
C ARG A 24 14.44 -7.50 -42.15
N GLU A 25 13.39 -8.25 -42.50
CA GLU A 25 12.20 -7.64 -43.15
C GLU A 25 11.52 -6.65 -42.21
N ALA A 26 11.40 -7.00 -40.92
CA ALA A 26 10.77 -6.11 -39.94
C ALA A 26 11.55 -4.79 -39.74
N LEU A 27 12.88 -4.93 -39.67
CA LEU A 27 13.74 -3.75 -39.55
C LEU A 27 13.65 -2.88 -40.80
N ARG A 28 13.66 -3.53 -41.97
CA ARG A 28 13.51 -2.80 -43.24
C ARG A 28 12.20 -2.01 -43.28
N ARG A 29 11.11 -2.64 -42.88
CA ARG A 29 9.81 -1.95 -42.92
C ARG A 29 9.72 -0.80 -41.95
N VAL A 30 10.32 -0.97 -40.77
CA VAL A 30 10.31 0.09 -39.78
C VAL A 30 11.16 1.28 -40.25
N ARG A 31 12.33 0.98 -40.81
CA ARG A 31 13.24 2.00 -41.32
C ARG A 31 12.56 2.75 -42.45
N GLU A 32 11.86 2.00 -43.31
CA GLU A 32 11.12 2.60 -44.43
C GLU A 32 10.00 3.54 -43.99
N GLU A 33 9.57 3.35 -42.74
CA GLU A 33 8.48 4.08 -42.11
C GLU A 33 8.99 5.25 -41.24
N PHE A 34 10.31 5.45 -41.16
CA PHE A 34 10.86 6.58 -40.39
C PHE A 34 10.15 7.87 -40.83
N GLY A 35 9.78 8.69 -39.86
CA GLY A 35 9.25 10.01 -40.14
C GLY A 35 7.75 10.07 -39.98
N ARG A 36 7.15 8.92 -39.68
CA ARG A 36 5.71 8.84 -39.47
C ARG A 36 5.30 9.62 -38.21
N HIS A 37 4.11 10.20 -38.24
CA HIS A 37 3.59 11.00 -37.14
C HIS A 37 2.49 10.29 -36.39
N TYR A 38 2.58 10.30 -35.06
CA TYR A 38 1.62 9.60 -34.22
C TYR A 38 0.93 10.58 -33.27
N PRO A 39 -0.42 10.74 -33.39
CA PRO A 39 -1.16 11.64 -32.50
C PRO A 39 -1.29 11.13 -31.04
N LEU A 40 -1.95 11.92 -30.19
CA LEU A 40 -2.32 11.50 -28.85
C LEU A 40 -3.47 10.50 -29.00
N TYR A 41 -3.76 9.73 -27.95
CA TYR A 41 -4.93 8.87 -27.95
C TYR A 41 -5.74 9.17 -26.71
N ILE A 42 -6.92 9.74 -26.95
CA ILE A 42 -7.79 10.24 -25.89
C ILE A 42 -9.23 9.83 -26.17
N GLY A 43 -9.87 9.21 -25.18
CA GLY A 43 -11.27 8.77 -25.32
C GLY A 43 -11.60 8.03 -26.60
N GLY A 44 -10.78 7.04 -26.95
CA GLY A 44 -11.06 6.17 -28.09
C GLY A 44 -10.65 6.73 -29.45
N GLU A 45 -10.06 7.92 -29.46
CA GLU A 45 -9.66 8.51 -30.72
C GLU A 45 -8.26 9.09 -30.72
N TRP A 46 -7.66 9.09 -31.90
CA TRP A 46 -6.37 9.71 -32.10
C TRP A 46 -6.58 11.20 -32.28
N VAL A 47 -5.90 11.99 -31.45
CA VAL A 47 -6.16 13.43 -31.37
C VAL A 47 -4.81 14.12 -31.57
N ASP A 48 -4.70 14.93 -32.61
CA ASP A 48 -3.43 15.57 -32.93
C ASP A 48 -3.33 16.93 -32.26
N THR A 49 -2.12 17.50 -32.24
CA THR A 49 -1.85 18.81 -31.66
C THR A 49 -1.02 19.63 -32.64
N LYS A 50 -0.94 20.94 -32.42
CA LYS A 50 -0.13 21.84 -33.24
C LYS A 50 1.36 21.60 -32.99
N GLU A 51 1.75 21.57 -31.72
CA GLU A 51 3.15 21.25 -31.36
C GLU A 51 3.43 19.77 -31.58
N ARG A 52 4.70 19.42 -31.76
CA ARG A 52 5.06 18.02 -31.96
C ARG A 52 6.35 17.70 -31.22
N MET A 53 6.61 16.42 -31.06
CA MET A 53 7.81 15.94 -30.37
C MET A 53 8.55 15.07 -31.37
N VAL A 54 9.88 15.04 -31.28
CA VAL A 54 10.68 14.33 -32.25
C VAL A 54 11.35 13.14 -31.56
N SER A 55 11.30 11.97 -32.21
CA SER A 55 12.04 10.84 -31.70
C SER A 55 13.22 10.49 -32.60
N LEU A 56 14.45 10.55 -32.06
CA LEU A 56 15.68 10.30 -32.82
C LEU A 56 16.22 8.88 -32.68
N ASN A 57 17.00 8.46 -33.67
CA ASN A 57 17.67 7.18 -33.64
C ASN A 57 18.98 7.37 -32.89
N PRO A 58 19.14 6.77 -31.68
CA PRO A 58 20.36 7.03 -30.90
C PRO A 58 21.63 6.47 -31.56
N SER A 59 21.45 5.55 -32.52
CA SER A 59 22.57 4.99 -33.29
C SER A 59 23.00 5.94 -34.43
N ALA A 60 22.13 6.89 -34.79
CA ALA A 60 22.38 7.86 -35.89
C ALA A 60 21.42 9.02 -35.67
N PRO A 61 21.72 9.90 -34.70
CA PRO A 61 20.75 10.88 -34.22
C PRO A 61 20.29 11.91 -35.25
N SER A 62 20.90 11.93 -36.43
CA SER A 62 20.37 12.79 -37.52
C SER A 62 19.05 12.22 -38.05
N GLU A 63 18.79 10.93 -37.76
CA GLU A 63 17.61 10.23 -38.28
C GLU A 63 16.39 10.35 -37.36
N VAL A 64 15.26 10.75 -37.93
CA VAL A 64 14.05 10.91 -37.17
C VAL A 64 13.23 9.63 -37.33
N VAL A 65 13.12 8.87 -36.24
CA VAL A 65 12.36 7.63 -36.24
C VAL A 65 10.89 7.98 -36.45
N GLY A 66 10.45 9.03 -35.78
CA GLY A 66 9.08 9.50 -35.95
C GLY A 66 8.86 10.75 -35.14
N THR A 67 7.66 11.29 -35.28
CA THR A 67 7.22 12.39 -34.45
C THR A 67 5.89 12.04 -33.83
N THR A 68 5.58 12.71 -32.71
CA THR A 68 4.27 12.57 -32.10
C THR A 68 3.65 13.91 -31.77
N ALA A 69 2.34 13.92 -31.56
CA ALA A 69 1.65 15.05 -30.93
C ALA A 69 2.24 15.31 -29.54
N LYS A 70 2.01 16.50 -28.99
CA LYS A 70 2.56 16.83 -27.68
C LYS A 70 1.44 17.32 -26.76
N ALA A 71 1.23 16.62 -25.64
CA ALA A 71 0.15 16.97 -24.74
C ALA A 71 0.60 18.06 -23.77
N GLY A 72 -0.31 18.95 -23.43
CA GLY A 72 -0.12 19.87 -22.30
C GLY A 72 -1.27 19.68 -21.31
N LYS A 73 -1.40 20.61 -20.37
CA LYS A 73 -2.47 20.55 -19.35
C LYS A 73 -3.89 20.32 -19.90
N ALA A 74 -4.20 20.95 -21.03
CA ALA A 74 -5.57 20.88 -21.55
C ALA A 74 -5.92 19.47 -22.00
N GLU A 75 -4.95 18.82 -22.66
CA GLU A 75 -5.10 17.46 -23.16
C GLU A 75 -5.10 16.47 -22.00
N ALA A 76 -4.24 16.74 -21.00
CA ALA A 76 -4.27 16.00 -19.73
C ALA A 76 -5.64 16.02 -19.04
N GLU A 77 -6.25 17.21 -18.94
CA GLU A 77 -7.59 17.35 -18.39
C GLU A 77 -8.64 16.61 -19.23
N ALA A 78 -8.54 16.74 -20.56
CA ALA A 78 -9.48 16.05 -21.48
C ALA A 78 -9.38 14.53 -21.26
N ALA A 79 -8.15 14.05 -21.11
CA ALA A 79 -7.90 12.62 -20.89
C ALA A 79 -8.47 12.17 -19.55
N LEU A 80 -8.30 12.99 -18.51
CA LEU A 80 -8.83 12.66 -17.16
C LEU A 80 -10.36 12.58 -17.17
N GLU A 81 -10.98 13.55 -17.83
CA GLU A 81 -12.43 13.50 -18.03
C GLU A 81 -12.86 12.20 -18.74
N ALA A 82 -12.15 11.84 -19.80
CA ALA A 82 -12.47 10.62 -20.54
C ALA A 82 -12.28 9.37 -19.67
N ALA A 83 -11.21 9.37 -18.86
CA ALA A 83 -10.87 8.22 -18.03
C ALA A 83 -11.90 8.03 -16.92
N TRP A 84 -12.39 9.13 -16.32
CA TRP A 84 -13.41 8.99 -15.27
C TRP A 84 -14.76 8.61 -15.85
N LYS A 85 -15.10 9.18 -16.99
CA LYS A 85 -16.31 8.77 -17.70
C LYS A 85 -16.29 7.25 -18.06
N ALA A 86 -15.16 6.75 -18.55
CA ALA A 86 -15.03 5.33 -18.91
C ALA A 86 -15.09 4.45 -17.69
N PHE A 87 -14.51 4.94 -16.60
CA PHE A 87 -14.45 4.17 -15.34
C PHE A 87 -15.85 3.76 -14.87
N LYS A 88 -16.80 4.70 -14.96
CA LYS A 88 -18.17 4.42 -14.54
C LYS A 88 -18.75 3.11 -15.05
N THR A 89 -18.47 2.75 -16.29
CA THR A 89 -19.00 1.51 -16.86
C THR A 89 -17.95 0.42 -16.96
N TRP A 90 -16.70 0.78 -17.22
CA TRP A 90 -15.59 -0.23 -17.25
C TRP A 90 -15.44 -1.01 -15.92
N LYS A 91 -15.73 -0.35 -14.82
CA LYS A 91 -15.61 -1.00 -13.51
C LYS A 91 -16.65 -2.09 -13.34
N ASP A 92 -17.72 -2.02 -14.13
CA ASP A 92 -18.86 -2.92 -14.01
C ASP A 92 -18.78 -4.10 -14.98
N TRP A 93 -17.79 -4.12 -15.87
CA TRP A 93 -17.59 -5.26 -16.77
C TRP A 93 -17.32 -6.51 -15.95
N PRO A 94 -17.93 -7.67 -16.31
CA PRO A 94 -17.47 -8.88 -15.66
C PRO A 94 -15.96 -9.02 -15.81
N GLN A 95 -15.29 -9.53 -14.77
CA GLN A 95 -13.87 -9.73 -14.89
C GLN A 95 -13.50 -10.62 -16.10
N GLU A 96 -14.26 -11.69 -16.33
CA GLU A 96 -14.04 -12.51 -17.54
C GLU A 96 -13.99 -11.70 -18.85
N ASP A 97 -14.86 -10.69 -18.97
CA ASP A 97 -14.88 -9.84 -20.17
C ASP A 97 -13.63 -8.99 -20.26
N ARG A 98 -13.23 -8.39 -19.14
CA ARG A 98 -12.00 -7.58 -19.12
C ARG A 98 -10.79 -8.46 -19.43
N SER A 99 -10.73 -9.63 -18.79
CA SER A 99 -9.62 -10.54 -19.01
C SER A 99 -9.51 -10.99 -20.48
N ARG A 100 -10.64 -11.27 -21.12
CA ARG A 100 -10.67 -11.59 -22.56
C ARG A 100 -10.17 -10.45 -23.43
N LEU A 101 -10.48 -9.22 -23.08
CA LEU A 101 -9.91 -8.08 -23.79
C LEU A 101 -8.37 -8.03 -23.71
N LEU A 102 -7.79 -8.25 -22.52
CA LEU A 102 -6.34 -8.34 -22.41
C LEU A 102 -5.82 -9.47 -23.28
N LEU A 103 -6.41 -10.67 -23.20
CA LEU A 103 -5.97 -11.78 -24.07
C LEU A 103 -5.97 -11.46 -25.58
N LYS A 104 -6.98 -10.75 -26.05
CA LYS A 104 -7.01 -10.28 -27.41
C LYS A 104 -5.80 -9.35 -27.66
N ALA A 105 -5.57 -8.40 -26.74
CA ALA A 105 -4.45 -7.46 -26.91
C ALA A 105 -3.11 -8.23 -26.96
N ALA A 106 -2.97 -9.26 -26.11
CA ALA A 106 -1.75 -10.09 -26.17
C ALA A 106 -1.59 -10.76 -27.54
N ALA A 107 -2.68 -11.34 -28.07
CA ALA A 107 -2.64 -12.02 -29.38
C ALA A 107 -2.23 -11.05 -30.49
N LEU A 108 -2.74 -9.82 -30.45
CA LEU A 108 -2.39 -8.79 -31.43
C LEU A 108 -0.94 -8.35 -31.29
N MET A 109 -0.45 -8.21 -30.05
CA MET A 109 0.95 -7.86 -29.82
C MET A 109 1.88 -8.97 -30.34
N ARG A 110 1.50 -10.22 -30.06
CA ARG A 110 2.25 -11.39 -30.54
C ARG A 110 2.38 -11.39 -32.07
N ARG A 111 1.28 -11.08 -32.77
CA ARG A 111 1.31 -11.01 -34.23
C ARG A 111 2.17 -9.86 -34.78
N ARG A 112 2.43 -8.82 -33.98
CA ARG A 112 3.29 -7.69 -34.40
C ARG A 112 4.66 -7.66 -33.70
N LYS A 113 5.08 -8.82 -33.19
CA LYS A 113 6.30 -8.96 -32.42
C LYS A 113 7.51 -8.41 -33.12
N ARG A 114 7.75 -8.84 -34.36
CA ARG A 114 8.95 -8.44 -35.08
C ARG A 114 9.00 -6.92 -35.29
N GLU A 115 7.87 -6.35 -35.70
CA GLU A 115 7.76 -4.90 -35.89
C GLU A 115 8.09 -4.12 -34.60
N LEU A 116 7.51 -4.54 -33.47
CA LEU A 116 7.80 -3.86 -32.19
C LEU A 116 9.26 -4.00 -31.82
N GLU A 117 9.85 -5.19 -32.03
CA GLU A 117 11.28 -5.37 -31.71
C GLU A 117 12.11 -4.42 -32.58
N ALA A 118 11.80 -4.37 -33.87
CA ALA A 118 12.52 -3.50 -34.80
C ALA A 118 12.35 -2.03 -34.42
N THR A 119 11.20 -1.67 -33.89
CA THR A 119 10.98 -0.29 -33.46
C THR A 119 11.86 0.03 -32.23
N LEU A 120 12.04 -0.95 -31.36
CA LEU A 120 12.94 -0.77 -30.20
C LEU A 120 14.41 -0.63 -30.59
N VAL A 121 14.82 -1.44 -31.57
CA VAL A 121 16.16 -1.36 -32.12
C VAL A 121 16.45 0.08 -32.58
N TYR A 122 15.58 0.63 -33.40
CA TYR A 122 15.82 1.96 -33.94
C TYR A 122 15.58 3.11 -32.95
N GLU A 123 14.57 2.98 -32.08
CA GLU A 123 14.17 4.12 -31.27
C GLU A 123 14.96 4.22 -29.96
N VAL A 124 15.30 3.08 -29.35
CA VAL A 124 16.08 3.13 -28.08
C VAL A 124 17.40 2.34 -28.10
N GLY A 125 17.78 1.88 -29.30
CA GLY A 125 19.11 1.29 -29.51
C GLY A 125 19.34 -0.04 -28.81
N LYS A 126 18.30 -0.86 -28.74
CA LYS A 126 18.45 -2.23 -28.25
C LYS A 126 18.95 -3.11 -29.38
N ASN A 127 19.85 -4.02 -29.07
CA ASN A 127 20.26 -5.03 -30.03
C ASN A 127 19.10 -6.02 -30.18
N TRP A 128 19.25 -7.03 -31.04
CA TRP A 128 18.09 -7.81 -31.43
C TRP A 128 17.50 -8.59 -30.26
N VAL A 129 18.36 -9.23 -29.48
CA VAL A 129 17.84 -10.09 -28.41
C VAL A 129 17.28 -9.26 -27.24
N GLU A 130 17.88 -8.08 -26.98
CA GLU A 130 17.31 -7.20 -25.96
C GLU A 130 15.91 -6.74 -26.37
N ALA A 131 15.74 -6.44 -27.66
CA ALA A 131 14.43 -6.01 -28.19
C ALA A 131 13.44 -7.15 -28.04
N SER A 132 13.89 -8.35 -28.40
CA SER A 132 12.95 -9.49 -28.34
C SER A 132 12.53 -9.79 -26.89
N ALA A 133 13.46 -9.70 -25.92
CA ALA A 133 13.12 -9.93 -24.52
C ALA A 133 12.10 -8.89 -24.03
N ASP A 134 12.27 -7.65 -24.48
CA ASP A 134 11.41 -6.54 -24.07
C ASP A 134 9.97 -6.83 -24.53
N VAL A 135 9.81 -7.06 -25.83
CA VAL A 135 8.46 -7.32 -26.37
C VAL A 135 7.83 -8.60 -25.73
N ALA A 136 8.64 -9.65 -25.54
CA ALA A 136 8.13 -10.88 -24.96
C ALA A 136 7.60 -10.66 -23.53
N GLU A 137 8.32 -9.85 -22.76
CA GLU A 137 7.92 -9.51 -21.41
C GLU A 137 6.60 -8.72 -21.40
N ALA A 138 6.41 -7.81 -22.37
CA ALA A 138 5.13 -7.09 -22.51
C ALA A 138 3.97 -8.09 -22.72
N ILE A 139 4.21 -9.06 -23.61
CA ILE A 139 3.22 -10.09 -23.90
C ILE A 139 2.96 -10.87 -22.61
N ASP A 140 4.02 -11.22 -21.90
CA ASP A 140 3.88 -11.94 -20.61
C ASP A 140 3.02 -11.17 -19.61
N PHE A 141 3.25 -9.85 -19.49
CA PHE A 141 2.46 -9.05 -18.54
C PHE A 141 0.97 -9.17 -18.86
N ILE A 142 0.62 -9.04 -20.13
CA ILE A 142 -0.78 -9.04 -20.51
C ILE A 142 -1.33 -10.45 -20.20
N GLU A 143 -0.65 -11.48 -20.65
CA GLU A 143 -1.13 -12.85 -20.39
C GLU A 143 -1.27 -13.13 -18.89
N TYR A 144 -0.27 -12.71 -18.12
CA TYR A 144 -0.22 -13.01 -16.70
C TYR A 144 -1.31 -12.25 -15.95
N TYR A 145 -1.42 -10.94 -16.16
CA TYR A 145 -2.39 -10.14 -15.44
C TYR A 145 -3.81 -10.50 -15.87
N ALA A 146 -4.03 -10.89 -17.12
CA ALA A 146 -5.36 -11.35 -17.52
C ALA A 146 -5.82 -12.52 -16.65
N ARG A 147 -4.94 -13.49 -16.42
CA ARG A 147 -5.26 -14.65 -15.59
C ARG A 147 -5.34 -14.30 -14.10
N ALA A 148 -4.38 -13.50 -13.64
CA ALA A 148 -4.28 -13.15 -12.24
C ALA A 148 -5.50 -12.37 -11.77
N ALA A 149 -6.01 -11.49 -12.64
CA ALA A 149 -7.20 -10.69 -12.33
C ALA A 149 -8.40 -11.54 -11.93
N LEU A 150 -8.50 -12.73 -12.52
CA LEU A 150 -9.64 -13.62 -12.24
C LEU A 150 -9.60 -14.13 -10.80
N ARG A 151 -8.40 -14.19 -10.21
CA ARG A 151 -8.27 -14.63 -8.81
C ARG A 151 -8.91 -13.62 -7.83
N TYR A 152 -9.18 -12.40 -8.31
CA TYR A 152 -9.76 -11.35 -7.49
C TYR A 152 -11.26 -11.16 -7.72
N ARG A 153 -11.86 -12.01 -8.55
CA ARG A 153 -13.24 -11.77 -8.99
C ARG A 153 -14.33 -11.94 -7.90
N TYR A 154 -15.42 -11.21 -8.08
CA TYR A 154 -16.56 -11.17 -7.16
C TYR A 154 -17.07 -12.56 -6.76
N PRO A 155 -17.27 -12.79 -5.45
CA PRO A 155 -16.72 -12.07 -4.30
C PRO A 155 -15.55 -12.89 -3.73
N ALA A 156 -14.35 -12.33 -3.79
CA ALA A 156 -13.13 -13.15 -3.68
C ALA A 156 -12.64 -13.35 -2.23
N VAL A 157 -13.13 -12.52 -1.29
CA VAL A 157 -12.53 -12.48 0.04
C VAL A 157 -13.03 -13.56 0.97
N GLU A 158 -12.09 -14.22 1.63
CA GLU A 158 -12.39 -15.28 2.61
C GLU A 158 -12.74 -14.65 3.97
N VAL A 159 -14.00 -14.80 4.38
CA VAL A 159 -14.45 -14.22 5.64
C VAL A 159 -15.05 -15.29 6.53
N VAL A 160 -15.15 -14.97 7.82
CA VAL A 160 -15.77 -15.83 8.85
C VAL A 160 -17.29 -15.61 8.82
N PRO A 161 -18.08 -16.71 8.76
CA PRO A 161 -19.53 -16.58 8.73
C PRO A 161 -20.12 -16.17 10.07
N TYR A 162 -21.34 -15.64 10.04
CA TYR A 162 -22.05 -15.25 11.25
C TYR A 162 -23.50 -15.72 11.12
N PRO A 163 -24.07 -16.24 12.22
CA PRO A 163 -25.45 -16.78 12.15
C PRO A 163 -26.49 -15.73 11.74
N GLY A 164 -27.38 -16.09 10.82
CA GLY A 164 -28.53 -15.22 10.47
C GLY A 164 -28.23 -14.13 9.46
N GLU A 165 -27.01 -14.16 8.91
CA GLU A 165 -26.47 -13.10 8.03
C GLU A 165 -25.71 -13.66 6.88
N ASP A 166 -25.77 -12.94 5.75
CA ASP A 166 -24.78 -13.12 4.69
C ASP A 166 -23.73 -12.02 4.89
N ASN A 167 -22.47 -12.44 4.91
CA ASN A 167 -21.35 -11.49 4.93
C ASN A 167 -20.50 -11.65 3.68
N GLU A 168 -20.41 -10.59 2.88
CA GLU A 168 -19.80 -10.69 1.56
C GLU A 168 -18.78 -9.60 1.34
N SER A 169 -17.51 -9.98 1.33
CA SER A 169 -16.45 -9.03 1.04
C SER A 169 -15.90 -9.24 -0.38
N PHE A 170 -15.68 -8.12 -1.06
CA PHE A 170 -15.25 -8.16 -2.44
C PHE A 170 -14.42 -6.94 -2.82
N TYR A 171 -13.66 -7.08 -3.91
CA TYR A 171 -12.78 -6.00 -4.36
C TYR A 171 -13.42 -5.14 -5.41
N VAL A 172 -13.10 -3.85 -5.40
CA VAL A 172 -13.51 -2.95 -6.46
C VAL A 172 -12.27 -2.13 -6.92
N PRO A 173 -12.23 -1.74 -8.23
CA PRO A 173 -11.16 -0.88 -8.71
C PRO A 173 -11.23 0.52 -8.08
N LEU A 174 -10.12 1.25 -8.16
CA LEU A 174 -9.97 2.55 -7.51
C LEU A 174 -10.55 3.70 -8.34
N GLY A 175 -10.32 3.68 -9.64
CA GLY A 175 -10.71 4.82 -10.48
C GLY A 175 -9.77 5.05 -11.62
N ALA A 176 -9.57 6.33 -11.96
CA ALA A 176 -8.70 6.78 -13.03
C ALA A 176 -7.35 7.20 -12.45
N GLY A 177 -6.26 6.72 -13.03
CA GLY A 177 -4.90 7.03 -12.52
C GLY A 177 -3.93 7.32 -13.63
N VAL A 178 -2.72 7.73 -13.27
CA VAL A 178 -1.73 8.04 -14.26
C VAL A 178 -0.53 7.11 -14.19
N VAL A 179 -0.08 6.67 -15.37
CA VAL A 179 1.13 5.86 -15.55
C VAL A 179 2.24 6.73 -16.15
N ILE A 180 3.39 6.75 -15.50
CA ILE A 180 4.59 7.43 -16.00
C ILE A 180 5.66 6.38 -16.24
N ALA A 181 5.90 6.07 -17.51
CA ALA A 181 6.69 4.90 -17.91
C ALA A 181 8.13 5.27 -18.28
N PRO A 182 9.07 4.30 -18.19
CA PRO A 182 10.49 4.53 -18.48
C PRO A 182 10.85 4.37 -19.96
N TRP A 183 12.01 4.90 -20.38
CA TRP A 183 12.47 4.67 -21.75
C TRP A 183 13.20 3.35 -21.93
N ASN A 184 13.67 2.73 -20.85
CA ASN A 184 14.54 1.57 -21.03
C ASN A 184 13.80 0.26 -21.31
N PHE A 185 12.55 0.15 -20.88
CA PHE A 185 11.69 -0.97 -21.27
C PHE A 185 10.35 -0.40 -21.73
N PRO A 186 10.36 0.32 -22.88
CA PRO A 186 9.21 1.14 -23.25
C PRO A 186 8.10 0.38 -23.98
N VAL A 187 8.27 -0.93 -24.18
CA VAL A 187 7.15 -1.84 -24.49
C VAL A 187 6.75 -2.66 -23.24
N ALA A 188 7.71 -3.39 -22.63
CA ALA A 188 7.45 -4.24 -21.48
C ALA A 188 6.82 -3.50 -20.31
N ILE A 189 7.55 -2.51 -19.78
CA ILE A 189 7.11 -1.87 -18.53
C ILE A 189 5.97 -0.89 -18.77
N PHE A 190 6.02 -0.20 -19.91
CA PHE A 190 4.90 0.64 -20.37
C PHE A 190 3.61 -0.18 -20.38
N THR A 191 3.67 -1.35 -21.00
CA THR A 191 2.49 -2.25 -21.07
C THR A 191 2.01 -2.76 -19.71
N GLY A 192 2.93 -3.37 -18.96
CA GLY A 192 2.60 -3.90 -17.63
C GLY A 192 1.99 -2.86 -16.69
N MET A 193 2.55 -1.65 -16.67
CA MET A 193 2.08 -0.65 -15.73
C MET A 193 0.67 -0.17 -16.08
N ILE A 194 0.31 -0.30 -17.35
CA ILE A 194 -1.02 0.11 -17.83
C ILE A 194 -2.01 -1.03 -17.66
N VAL A 195 -1.66 -2.21 -18.14
CA VAL A 195 -2.70 -3.26 -18.25
C VAL A 195 -3.03 -3.92 -16.91
N GLY A 196 -2.11 -3.86 -15.97
CA GLY A 196 -2.39 -4.34 -14.60
C GLY A 196 -3.57 -3.59 -13.95
N PRO A 197 -3.44 -2.26 -13.75
CA PRO A 197 -4.57 -1.50 -13.23
C PRO A 197 -5.85 -1.71 -14.05
N VAL A 198 -5.72 -1.60 -15.36
CA VAL A 198 -6.87 -1.66 -16.28
C VAL A 198 -7.57 -3.02 -16.20
N ALA A 199 -6.80 -4.10 -16.05
CA ALA A 199 -7.38 -5.48 -15.97
C ALA A 199 -8.52 -5.61 -14.94
N VAL A 200 -8.30 -5.02 -13.75
CA VAL A 200 -9.21 -5.16 -12.63
C VAL A 200 -10.24 -4.02 -12.53
N GLY A 201 -10.27 -3.17 -13.56
CA GLY A 201 -11.39 -2.24 -13.70
C GLY A 201 -11.02 -0.78 -13.54
N ASN A 202 -9.73 -0.49 -13.39
CA ASN A 202 -9.30 0.90 -13.39
C ASN A 202 -9.21 1.45 -14.81
N THR A 203 -9.10 2.78 -14.90
CA THR A 203 -8.76 3.43 -16.17
C THR A 203 -7.44 4.21 -16.01
N VAL A 204 -6.76 4.44 -17.12
CA VAL A 204 -5.36 4.93 -17.13
C VAL A 204 -5.07 6.01 -18.17
N ILE A 205 -4.35 7.06 -17.73
CA ILE A 205 -3.69 8.03 -18.61
C ILE A 205 -2.21 7.72 -18.57
N ALA A 206 -1.67 7.32 -19.71
CA ALA A 206 -0.28 6.91 -19.78
C ALA A 206 0.61 7.95 -20.44
N LYS A 207 1.69 8.29 -19.75
CA LYS A 207 2.70 9.21 -20.32
C LYS A 207 3.96 8.40 -20.64
N PRO A 208 4.26 8.20 -21.95
CA PRO A 208 5.49 7.48 -22.33
C PRO A 208 6.72 8.33 -22.00
N ALA A 209 7.86 7.68 -21.79
CA ALA A 209 9.12 8.41 -21.70
C ALA A 209 9.36 9.15 -23.03
N GLU A 210 9.94 10.36 -22.96
CA GLU A 210 10.17 11.18 -24.15
C GLU A 210 10.96 10.47 -25.25
N ASP A 211 11.99 9.69 -24.86
CA ASP A 211 12.85 8.97 -25.82
C ASP A 211 12.19 7.76 -26.49
N ALA A 212 10.99 7.39 -26.05
CA ALA A 212 10.38 6.16 -26.52
C ALA A 212 8.92 6.35 -26.95
N VAL A 213 8.58 7.54 -27.43
CA VAL A 213 7.18 7.88 -27.72
C VAL A 213 6.59 7.11 -28.92
N VAL A 214 7.44 6.73 -29.90
CA VAL A 214 6.91 6.06 -31.10
C VAL A 214 6.46 4.64 -30.74
N VAL A 215 7.32 3.90 -30.05
CA VAL A 215 6.96 2.54 -29.64
C VAL A 215 5.75 2.55 -28.70
N GLY A 216 5.64 3.59 -27.83
CA GLY A 216 4.43 3.78 -27.02
C GLY A 216 3.16 3.91 -27.86
N ALA A 217 3.24 4.73 -28.90
CA ALA A 217 2.11 4.88 -29.85
C ALA A 217 1.72 3.55 -30.53
N LYS A 218 2.71 2.73 -30.87
CA LYS A 218 2.43 1.46 -31.50
C LYS A 218 1.72 0.51 -30.55
N VAL A 219 2.10 0.58 -29.26
CA VAL A 219 1.38 -0.20 -28.27
C VAL A 219 -0.08 0.28 -28.20
N PHE A 220 -0.28 1.60 -28.27
CA PHE A 220 -1.65 2.10 -28.33
C PHE A 220 -2.45 1.71 -29.55
N GLU A 221 -1.78 1.52 -30.67
CA GLU A 221 -2.41 0.97 -31.86
C GLU A 221 -3.00 -0.39 -31.57
N ILE A 222 -2.24 -1.20 -30.85
CA ILE A 222 -2.70 -2.52 -30.40
C ILE A 222 -3.90 -2.43 -29.47
N PHE A 223 -3.82 -1.56 -28.46
CA PHE A 223 -4.97 -1.30 -27.58
C PHE A 223 -6.21 -0.88 -28.33
N HIS A 224 -6.07 0.06 -29.26
CA HIS A 224 -7.22 0.51 -30.05
C HIS A 224 -7.81 -0.64 -30.87
N GLU A 225 -6.95 -1.41 -31.53
CA GLU A 225 -7.43 -2.54 -32.35
C GLU A 225 -8.13 -3.62 -31.51
N ALA A 226 -7.61 -3.87 -30.31
CA ALA A 226 -8.18 -4.85 -29.36
C ALA A 226 -9.61 -4.47 -28.95
N GLY A 227 -9.90 -3.18 -28.92
CA GLY A 227 -11.23 -2.67 -28.62
C GLY A 227 -11.46 -2.21 -27.19
N PHE A 228 -10.42 -1.74 -26.48
CA PHE A 228 -10.69 -1.17 -25.17
C PHE A 228 -11.70 -0.03 -25.34
N PRO A 229 -12.74 0.04 -24.48
CA PRO A 229 -13.71 1.14 -24.63
C PRO A 229 -13.08 2.52 -24.52
N PRO A 230 -13.73 3.52 -25.13
CA PRO A 230 -13.14 4.88 -25.09
C PRO A 230 -12.91 5.32 -23.66
N GLY A 231 -11.79 5.99 -23.43
CA GLY A 231 -11.45 6.53 -22.12
C GLY A 231 -10.69 5.56 -21.23
N VAL A 232 -10.76 4.25 -21.54
CA VAL A 232 -10.17 3.23 -20.63
C VAL A 232 -8.63 3.31 -20.59
N VAL A 233 -8.01 3.51 -21.75
CA VAL A 233 -6.57 3.78 -21.87
C VAL A 233 -6.32 5.03 -22.74
N ASN A 234 -5.39 5.89 -22.29
CA ASN A 234 -5.14 7.17 -22.95
C ASN A 234 -3.65 7.39 -23.02
N PHE A 235 -3.20 8.04 -24.09
CA PHE A 235 -1.77 8.10 -24.42
C PHE A 235 -1.42 9.58 -24.58
N LEU A 236 -0.56 10.06 -23.68
CA LEU A 236 -0.18 11.47 -23.63
C LEU A 236 1.34 11.71 -23.62
N PRO A 237 1.99 11.52 -24.78
CA PRO A 237 3.38 11.96 -24.85
C PRO A 237 3.45 13.46 -24.61
N GLY A 238 4.51 13.89 -23.93
CA GLY A 238 4.75 15.31 -23.62
C GLY A 238 6.22 15.57 -23.33
N VAL A 239 6.61 16.85 -23.34
CA VAL A 239 8.00 17.23 -23.09
C VAL A 239 8.14 17.75 -21.66
N GLY A 240 9.08 17.20 -20.91
CA GLY A 240 9.39 17.66 -19.55
C GLY A 240 8.29 17.35 -18.55
N GLU A 241 8.23 18.17 -17.49
CA GLU A 241 7.36 17.90 -16.33
C GLU A 241 5.88 18.21 -16.49
N GLU A 242 5.50 19.07 -17.44
CA GLU A 242 4.14 19.65 -17.45
C GLU A 242 3.03 18.64 -17.22
N VAL A 243 2.91 17.66 -18.12
CA VAL A 243 1.82 16.66 -18.08
C VAL A 243 1.91 15.81 -16.80
N GLY A 244 3.10 15.30 -16.49
CA GLY A 244 3.27 14.45 -15.30
C GLY A 244 2.98 15.19 -14.00
N ALA A 245 3.60 16.35 -13.80
CA ALA A 245 3.31 17.17 -12.62
C ALA A 245 1.82 17.49 -12.49
N TYR A 246 1.17 17.81 -13.61
CA TYR A 246 -0.23 18.26 -13.60
C TYR A 246 -1.13 17.13 -13.09
N LEU A 247 -0.90 15.92 -13.59
CA LEU A 247 -1.67 14.74 -13.18
C LEU A 247 -1.31 14.24 -11.77
N VAL A 248 -0.01 14.07 -11.47
CA VAL A 248 0.41 13.66 -10.12
C VAL A 248 -0.24 14.52 -9.01
N GLU A 249 -0.31 15.83 -9.24
CA GLU A 249 -0.84 16.78 -8.25
C GLU A 249 -2.34 17.02 -8.29
N HIS A 250 -3.00 16.38 -9.24
CA HIS A 250 -4.39 16.69 -9.48
C HIS A 250 -5.27 16.14 -8.35
N PRO A 251 -6.26 16.91 -7.87
CA PRO A 251 -7.20 16.38 -6.84
C PRO A 251 -7.99 15.15 -7.35
N ARG A 252 -8.12 15.00 -8.66
CA ARG A 252 -8.98 13.92 -9.23
C ARG A 252 -8.21 12.74 -9.83
N ILE A 253 -6.91 12.71 -9.57
CA ILE A 253 -6.13 11.52 -9.94
C ILE A 253 -6.11 10.56 -8.75
N ARG A 254 -6.47 9.30 -8.98
CA ARG A 254 -6.73 8.39 -7.87
C ARG A 254 -5.47 7.64 -7.45
N PHE A 255 -4.64 7.30 -8.44
CA PHE A 255 -3.39 6.60 -8.19
C PHE A 255 -2.34 7.00 -9.22
N ILE A 256 -1.08 6.69 -8.90
CA ILE A 256 0.05 7.02 -9.74
C ILE A 256 0.96 5.79 -9.78
N ASN A 257 1.24 5.31 -10.98
CA ASN A 257 2.13 4.17 -11.17
C ASN A 257 3.37 4.68 -11.90
N PHE A 258 4.54 4.62 -11.24
CA PHE A 258 5.77 5.23 -11.76
C PHE A 258 6.95 4.27 -11.77
N THR A 259 7.69 4.28 -12.88
CA THR A 259 9.00 3.63 -12.97
C THR A 259 9.98 4.60 -13.63
N GLY A 260 11.12 4.83 -12.97
CA GLY A 260 12.11 5.77 -13.47
C GLY A 260 13.09 6.12 -12.36
N SER A 261 13.62 7.34 -12.35
CA SER A 261 14.75 7.65 -11.46
C SER A 261 14.29 7.89 -10.03
N LEU A 262 15.20 7.68 -9.08
CA LEU A 262 14.97 8.03 -7.67
C LEU A 262 14.55 9.50 -7.53
N GLU A 263 15.24 10.40 -8.24
CA GLU A 263 14.97 11.82 -8.06
C GLU A 263 13.52 12.12 -8.29
N VAL A 264 13.00 11.60 -9.39
CA VAL A 264 11.63 11.88 -9.81
C VAL A 264 10.66 11.11 -8.89
N GLY A 265 11.00 9.86 -8.60
CA GLY A 265 10.20 9.02 -7.69
C GLY A 265 9.96 9.62 -6.32
N LEU A 266 11.01 10.23 -5.76
CA LEU A 266 10.88 10.89 -4.46
C LEU A 266 9.88 12.04 -4.53
N LYS A 267 9.94 12.85 -5.59
CA LYS A 267 8.99 13.97 -5.75
C LYS A 267 7.56 13.48 -5.92
N ILE A 268 7.37 12.45 -6.72
CA ILE A 268 6.05 11.83 -6.87
C ILE A 268 5.47 11.30 -5.55
N TYR A 269 6.26 10.56 -4.77
CA TYR A 269 5.77 10.02 -3.52
C TYR A 269 5.41 11.15 -2.55
N GLU A 270 6.24 12.21 -2.52
CA GLU A 270 5.94 13.34 -1.64
C GLU A 270 4.64 14.00 -2.05
N ALA A 271 4.46 14.26 -3.34
CA ALA A 271 3.26 14.94 -3.81
C ALA A 271 1.99 14.10 -3.61
N ALA A 272 2.10 12.78 -3.78
CA ALA A 272 0.96 11.89 -3.56
C ALA A 272 0.52 11.87 -2.11
N GLY A 273 1.40 12.28 -1.20
CA GLY A 273 1.04 12.32 0.21
C GLY A 273 0.24 13.54 0.59
N ARG A 274 0.17 14.53 -0.31
CA ARG A 274 -0.56 15.77 -0.06
C ARG A 274 -2.02 15.71 -0.51
N LEU A 275 -2.90 16.37 0.21
CA LEU A 275 -4.26 16.50 -0.20
C LEU A 275 -4.41 17.75 -1.05
N ALA A 276 -4.59 17.57 -2.36
CA ALA A 276 -4.80 18.70 -3.25
C ALA A 276 -6.15 19.35 -2.99
N PRO A 277 -6.25 20.67 -3.19
CA PRO A 277 -7.56 21.30 -2.96
C PRO A 277 -8.74 20.56 -3.58
N GLY A 278 -9.70 20.15 -2.75
CA GLY A 278 -10.92 19.49 -3.22
C GLY A 278 -10.75 17.98 -3.36
N GLN A 279 -9.55 17.47 -3.10
CA GLN A 279 -9.30 16.02 -3.23
C GLN A 279 -10.08 15.27 -2.16
N THR A 280 -10.63 14.11 -2.51
CA THR A 280 -11.49 13.36 -1.57
C THR A 280 -11.02 11.94 -1.26
N TRP A 281 -9.71 11.71 -1.36
CA TRP A 281 -9.12 10.40 -1.02
C TRP A 281 -7.64 10.55 -0.73
N PHE A 282 -7.08 9.47 -0.17
CA PHE A 282 -5.66 9.36 0.02
C PHE A 282 -5.09 8.68 -1.22
N LYS A 283 -4.29 9.41 -1.97
CA LYS A 283 -3.68 8.87 -3.18
C LYS A 283 -2.79 7.68 -2.90
N ARG A 284 -2.85 6.69 -3.80
CA ARG A 284 -1.83 5.65 -3.83
C ARG A 284 -0.76 5.95 -4.89
N ALA A 285 0.49 5.77 -4.52
CA ALA A 285 1.60 5.98 -5.43
C ALA A 285 2.52 4.77 -5.37
N TYR A 286 2.71 4.14 -6.52
CA TYR A 286 3.58 2.97 -6.63
C TYR A 286 4.79 3.42 -7.42
N VAL A 287 5.98 3.28 -6.84
CA VAL A 287 7.18 3.74 -7.52
C VAL A 287 8.24 2.64 -7.51
N GLU A 288 8.92 2.50 -8.65
CA GLU A 288 10.10 1.66 -8.76
C GLU A 288 11.19 2.59 -9.25
N THR A 289 12.21 2.71 -8.43
CA THR A 289 13.16 3.83 -8.53
C THR A 289 14.63 3.44 -8.75
N GLY A 290 14.89 2.30 -9.38
CA GLY A 290 16.26 1.99 -9.77
C GLY A 290 17.04 1.24 -8.68
N GLY A 291 18.33 1.00 -8.93
CA GLY A 291 19.17 0.27 -7.98
C GLY A 291 20.65 0.55 -8.15
N LYS A 292 21.48 0.04 -7.24
CA LYS A 292 22.92 -0.03 -7.46
C LYS A 292 23.33 -1.47 -7.17
N ASP A 293 23.09 -2.33 -8.16
CA ASP A 293 23.04 -3.77 -7.95
C ASP A 293 24.42 -4.43 -8.06
N ALA A 294 24.69 -5.32 -7.12
CA ALA A 294 25.96 -6.01 -7.04
C ALA A 294 25.83 -7.50 -7.33
N ILE A 295 26.90 -8.04 -7.88
CA ILE A 295 27.13 -9.48 -7.91
C ILE A 295 28.34 -9.72 -7.00
N ILE A 296 28.16 -10.62 -6.04
CA ILE A 296 29.26 -11.11 -5.22
C ILE A 296 29.82 -12.38 -5.83
N VAL A 297 31.15 -12.51 -5.88
CA VAL A 297 31.77 -13.77 -6.28
C VAL A 297 32.77 -14.18 -5.18
N ASP A 298 32.70 -15.43 -4.73
CA ASP A 298 33.69 -15.87 -3.71
C ASP A 298 34.63 -16.88 -4.35
N GLU A 299 35.62 -17.37 -3.60
CA GLU A 299 36.70 -18.13 -4.20
C GLU A 299 36.26 -19.57 -4.57
N THR A 300 35.04 -19.94 -4.17
CA THR A 300 34.48 -21.27 -4.44
C THR A 300 33.73 -21.35 -5.77
N ALA A 301 33.47 -20.19 -6.37
CA ALA A 301 32.63 -20.13 -7.56
C ALA A 301 33.25 -20.74 -8.80
N ASP A 302 32.39 -21.01 -9.78
CA ASP A 302 32.84 -21.26 -11.14
C ASP A 302 33.18 -19.91 -11.76
N PHE A 303 34.48 -19.62 -11.89
CA PHE A 303 34.93 -18.29 -12.31
C PHE A 303 34.56 -17.92 -13.74
N ASP A 304 34.59 -18.88 -14.66
CA ASP A 304 34.17 -18.63 -16.04
C ASP A 304 32.66 -18.37 -16.14
N LEU A 305 31.88 -19.16 -15.40
CA LEU A 305 30.43 -18.93 -15.33
C LEU A 305 30.15 -17.55 -14.75
N ALA A 306 30.86 -17.20 -13.68
CA ALA A 306 30.64 -15.89 -13.04
C ALA A 306 30.97 -14.75 -14.00
N ALA A 307 32.09 -14.86 -14.69
CA ALA A 307 32.53 -13.78 -15.56
C ALA A 307 31.52 -13.57 -16.71
N GLU A 308 31.00 -14.67 -17.25
CA GLU A 308 29.97 -14.58 -18.30
C GLU A 308 28.71 -13.86 -17.77
N GLY A 309 28.24 -14.30 -16.59
CA GLY A 309 27.03 -13.73 -15.99
C GLY A 309 27.19 -12.27 -15.62
N VAL A 310 28.40 -11.91 -15.18
CA VAL A 310 28.71 -10.53 -14.82
C VAL A 310 28.69 -9.63 -16.06
N VAL A 311 29.33 -10.09 -17.14
CA VAL A 311 29.38 -9.30 -18.39
C VAL A 311 27.97 -9.08 -18.97
N VAL A 312 27.18 -10.14 -19.01
CA VAL A 312 25.76 -10.04 -19.43
C VAL A 312 24.97 -9.04 -18.52
N SER A 313 25.12 -9.18 -17.20
CA SER A 313 24.39 -8.34 -16.22
C SER A 313 24.79 -6.87 -16.29
N ALA A 314 26.09 -6.64 -16.50
CA ALA A 314 26.67 -5.28 -16.50
C ALA A 314 26.46 -4.55 -17.83
N TYR A 315 26.47 -5.27 -18.94
CA TYR A 315 26.56 -4.61 -20.24
C TYR A 315 25.38 -4.82 -21.16
N GLY A 316 24.49 -5.75 -20.81
CA GLY A 316 23.25 -5.94 -21.57
C GLY A 316 22.50 -4.63 -21.64
N PHE A 317 21.99 -4.30 -22.82
CA PHE A 317 21.40 -2.98 -23.09
C PHE A 317 22.22 -1.81 -22.54
N GLN A 318 23.53 -1.94 -22.67
CA GLN A 318 24.47 -0.89 -22.36
C GLN A 318 24.43 -0.52 -20.89
N GLY A 319 24.00 -1.47 -20.05
CA GLY A 319 23.94 -1.24 -18.59
C GLY A 319 22.82 -0.28 -18.19
N GLN A 320 21.91 -0.03 -19.13
CA GLN A 320 20.79 0.90 -18.94
C GLN A 320 19.61 0.11 -18.36
N LYS A 321 19.85 -0.59 -17.24
CA LYS A 321 18.79 -1.33 -16.56
C LYS A 321 18.84 -1.04 -15.07
N CSO A 322 17.66 -0.88 -14.46
CA CSO A 322 17.50 -0.86 -13.01
CB CSO A 322 16.03 -0.64 -12.57
SG CSO A 322 14.75 -1.42 -13.63
SG CSO A 322 14.97 -0.42 -14.03
SG CSO A 322 15.50 0.99 -13.12
C CSO A 322 18.05 -2.10 -12.29
O CSO A 322 18.37 -2.04 -11.10
OD CSO A 322 15.25 -1.41 -15.33
OD CSO A 322 13.27 -0.37 -13.56
OD CSO A 322 15.32 1.09 -14.89
N SER A 323 18.18 -3.18 -13.06
CA SER A 323 18.65 -4.48 -12.58
C SER A 323 20.12 -4.80 -12.88
N ALA A 324 20.76 -3.92 -13.66
CA ALA A 324 22.12 -4.16 -14.13
C ALA A 324 23.17 -4.29 -13.01
N ALA A 325 24.11 -5.20 -13.19
CA ALA A 325 25.21 -5.33 -12.24
C ALA A 325 26.10 -4.13 -12.49
N SER A 326 26.04 -3.16 -11.60
CA SER A 326 26.95 -2.02 -11.64
C SER A 326 28.07 -2.13 -10.61
N ARG A 327 27.97 -3.13 -9.74
CA ARG A 327 29.03 -3.42 -8.78
C ARG A 327 29.41 -4.89 -8.83
N LEU A 328 30.72 -5.17 -8.80
CA LEU A 328 31.20 -6.57 -8.75
C LEU A 328 32.02 -6.63 -7.48
N ILE A 329 31.58 -7.44 -6.53
CA ILE A 329 32.21 -7.50 -5.20
C ILE A 329 32.94 -8.84 -5.12
N LEU A 330 34.28 -8.79 -5.02
CA LEU A 330 35.08 -10.03 -5.11
C LEU A 330 35.84 -10.24 -3.82
N THR A 331 35.68 -11.41 -3.21
CA THR A 331 36.45 -11.75 -2.02
C THR A 331 37.91 -11.91 -2.46
N GLN A 332 38.84 -11.87 -1.51
CA GLN A 332 40.26 -11.82 -1.87
C GLN A 332 40.67 -12.96 -2.80
N GLY A 333 40.22 -14.18 -2.54
CA GLY A 333 40.62 -15.32 -3.37
C GLY A 333 39.99 -15.34 -4.76
N ALA A 334 38.89 -14.63 -4.94
CA ALA A 334 38.24 -14.51 -6.26
C ALA A 334 38.73 -13.32 -7.09
N TYR A 335 39.40 -12.36 -6.45
CA TYR A 335 39.68 -11.07 -7.10
C TYR A 335 40.40 -11.21 -8.43
N GLU A 336 41.64 -11.72 -8.39
CA GLU A 336 42.40 -11.84 -9.64
C GLU A 336 41.76 -12.77 -10.68
N PRO A 337 41.40 -14.03 -10.30
CA PRO A 337 40.84 -14.90 -11.33
C PRO A 337 39.58 -14.36 -12.02
N VAL A 338 38.64 -13.79 -11.25
CA VAL A 338 37.39 -13.28 -11.81
C VAL A 338 37.62 -11.98 -12.59
N LEU A 339 38.37 -11.05 -12.02
CA LEU A 339 38.60 -9.81 -12.75
C LEU A 339 39.30 -10.05 -14.08
N GLU A 340 40.34 -10.90 -14.07
CA GLU A 340 41.01 -11.15 -15.35
C GLU A 340 40.02 -11.72 -16.38
N ARG A 341 39.13 -12.63 -15.96
CA ARG A 341 38.16 -13.22 -16.88
C ARG A 341 37.16 -12.20 -17.39
N VAL A 342 36.71 -11.33 -16.49
CA VAL A 342 35.73 -10.27 -16.84
C VAL A 342 36.34 -9.30 -17.87
N LEU A 343 37.56 -8.88 -17.60
CA LEU A 343 38.29 -8.00 -18.54
C LEU A 343 38.45 -8.61 -19.94
N LYS A 344 38.85 -9.88 -20.02
CA LYS A 344 39.04 -10.59 -21.28
C LYS A 344 37.73 -10.71 -22.05
N ARG A 345 36.65 -10.97 -21.33
CA ARG A 345 35.37 -11.08 -21.96
C ARG A 345 34.87 -9.71 -22.40
N ALA A 346 34.97 -8.71 -21.53
CA ALA A 346 34.44 -7.39 -21.86
C ALA A 346 35.20 -6.72 -23.00
N GLU A 347 36.52 -6.91 -23.07
CA GLU A 347 37.26 -6.25 -24.14
C GLU A 347 36.85 -6.76 -25.53
N ARG A 348 36.23 -7.95 -25.59
CA ARG A 348 35.78 -8.56 -26.86
C ARG A 348 34.37 -8.14 -27.30
N LEU A 349 33.70 -7.34 -26.48
CA LEU A 349 32.33 -6.92 -26.79
C LEU A 349 32.30 -5.95 -27.96
N SER A 350 31.37 -6.17 -28.89
CA SER A 350 31.23 -5.27 -30.04
C SER A 350 30.31 -4.12 -29.69
N VAL A 351 30.58 -2.95 -30.28
CA VAL A 351 29.75 -1.77 -30.03
C VAL A 351 29.47 -1.16 -31.39
N GLY A 352 28.20 -0.87 -31.68
CA GLY A 352 27.88 -0.24 -32.96
C GLY A 352 26.40 0.00 -33.09
N PRO A 353 25.95 0.44 -34.29
CA PRO A 353 24.53 0.70 -34.49
C PRO A 353 23.70 -0.52 -34.13
N ALA A 354 22.61 -0.28 -33.42
CA ALA A 354 21.75 -1.38 -32.90
C ALA A 354 21.24 -2.30 -34.01
N GLU A 355 20.97 -1.75 -35.19
CA GLU A 355 20.48 -2.59 -36.30
C GLU A 355 21.44 -3.70 -36.71
N GLU A 356 22.74 -3.48 -36.48
CA GLU A 356 23.79 -4.47 -36.72
C GLU A 356 23.82 -5.62 -35.73
N ASN A 357 22.94 -5.57 -34.73
CA ASN A 357 22.93 -6.56 -33.64
C ASN A 357 24.30 -6.70 -32.96
N PRO A 358 24.87 -5.57 -32.50
CA PRO A 358 26.16 -5.61 -31.81
C PRO A 358 25.93 -6.13 -30.39
N ASP A 359 26.99 -6.40 -29.65
CA ASP A 359 26.83 -6.69 -28.23
C ASP A 359 26.27 -5.49 -27.49
N LEU A 360 26.76 -4.29 -27.80
CA LEU A 360 26.23 -3.03 -27.23
C LEU A 360 25.82 -2.08 -28.38
N GLY A 361 24.60 -1.56 -28.33
CA GLY A 361 24.23 -0.40 -29.16
C GLY A 361 24.69 0.87 -28.49
N PRO A 362 24.06 2.01 -28.84
CA PRO A 362 24.36 3.31 -28.21
C PRO A 362 23.61 3.51 -26.88
N VAL A 363 24.06 4.43 -26.01
CA VAL A 363 23.14 4.91 -24.95
C VAL A 363 22.02 5.74 -25.58
N VAL A 364 20.97 6.02 -24.83
CA VAL A 364 19.68 6.38 -25.43
C VAL A 364 19.60 7.81 -26.00
N SER A 365 20.44 8.69 -25.50
CA SER A 365 20.30 10.09 -25.83
C SER A 365 21.59 10.84 -25.59
N ALA A 366 21.66 12.07 -26.11
CA ALA A 366 22.84 12.90 -25.87
C ALA A 366 23.00 13.21 -24.39
N GLU A 367 21.88 13.45 -23.69
CA GLU A 367 21.96 13.75 -22.26
C GLU A 367 22.41 12.53 -21.47
N GLN A 368 21.91 11.35 -21.83
CA GLN A 368 22.39 10.12 -21.19
C GLN A 368 23.90 9.93 -21.40
N GLU A 369 24.37 10.14 -22.63
CA GLU A 369 25.78 10.05 -22.95
C GLU A 369 26.59 11.01 -22.07
N ARG A 370 26.10 12.24 -21.97
CA ARG A 370 26.75 13.25 -21.12
C ARG A 370 26.90 12.83 -19.67
N LYS A 371 25.81 12.30 -19.11
CA LYS A 371 25.77 11.87 -17.72
C LYS A 371 26.73 10.73 -17.48
N VAL A 372 26.71 9.74 -18.37
CA VAL A 372 27.58 8.58 -18.21
C VAL A 372 29.06 8.98 -18.31
N LEU A 373 29.38 9.81 -19.30
CA LEU A 373 30.74 10.31 -19.45
C LEU A 373 31.19 11.13 -18.24
N SER A 374 30.26 11.89 -17.64
CA SER A 374 30.57 12.68 -16.44
C SER A 374 30.92 11.78 -15.27
N TYR A 375 30.15 10.70 -15.11
CA TYR A 375 30.43 9.70 -14.06
C TYR A 375 31.75 8.96 -14.27
N ILE A 376 32.09 8.70 -15.53
CA ILE A 376 33.41 8.14 -15.86
C ILE A 376 34.53 9.10 -15.39
N GLU A 377 34.34 10.41 -15.59
CA GLU A 377 35.34 11.40 -15.10
C GLU A 377 35.47 11.36 -13.58
N ILE A 378 34.33 11.24 -12.90
CA ILE A 378 34.31 11.11 -11.44
C ILE A 378 35.02 9.83 -11.02
N GLY A 379 34.76 8.73 -11.73
CA GLY A 379 35.32 7.43 -11.38
C GLY A 379 36.84 7.40 -11.49
N LYS A 380 37.38 8.11 -12.48
CA LYS A 380 38.82 8.17 -12.68
C LYS A 380 39.55 8.69 -11.43
N ASN A 381 38.84 9.46 -10.62
CA ASN A 381 39.39 10.03 -9.39
C ASN A 381 38.98 9.31 -8.11
N GLU A 382 38.27 8.19 -8.30
CA GLU A 382 37.76 7.41 -7.16
C GLU A 382 38.34 6.01 -7.16
N GLY A 383 38.35 5.36 -8.32
CA GLY A 383 38.98 4.06 -8.43
C GLY A 383 39.99 4.04 -9.55
N GLN A 384 40.36 2.85 -9.98
CA GLN A 384 41.35 2.67 -11.04
C GLN A 384 40.70 2.22 -12.35
N LEU A 385 40.74 3.07 -13.38
CA LEU A 385 40.21 2.71 -14.70
C LEU A 385 41.04 1.59 -15.32
N VAL A 386 40.43 0.47 -15.67
CA VAL A 386 41.15 -0.66 -16.26
C VAL A 386 40.63 -1.16 -17.61
N LEU A 387 39.52 -0.59 -18.07
CA LEU A 387 38.99 -0.89 -19.41
C LEU A 387 38.06 0.23 -19.84
N GLY A 388 38.13 0.59 -21.13
CA GLY A 388 37.20 1.52 -21.74
C GLY A 388 37.30 2.93 -21.20
N GLY A 389 36.17 3.47 -20.80
CA GLY A 389 36.11 4.81 -20.22
C GLY A 389 36.05 5.94 -21.23
N LYS A 390 35.63 5.63 -22.45
CA LYS A 390 35.51 6.69 -23.46
C LYS A 390 34.38 6.49 -24.45
N ARG A 391 33.98 7.61 -25.05
CA ARG A 391 33.04 7.62 -26.15
C ARG A 391 33.78 7.09 -27.38
N LEU A 392 33.11 6.30 -28.19
CA LEU A 392 33.71 5.82 -29.42
C LEU A 392 33.38 6.80 -30.55
N GLU A 393 34.02 6.62 -31.71
CA GLU A 393 33.77 7.46 -32.90
C GLU A 393 32.40 7.18 -33.53
N GLY A 394 31.82 8.21 -34.12
CA GLY A 394 30.53 8.10 -34.78
C GLY A 394 29.54 9.09 -34.18
N GLU A 395 28.50 9.46 -34.93
CA GLU A 395 27.48 10.36 -34.40
C GLU A 395 26.55 9.66 -33.40
N GLY A 396 26.40 8.35 -33.49
CA GLY A 396 25.60 7.61 -32.51
C GLY A 396 26.21 7.73 -31.10
N TYR A 397 25.45 7.45 -30.05
CA TYR A 397 25.93 7.72 -28.70
C TYR A 397 26.64 6.50 -28.13
N PHE A 398 27.80 6.18 -28.71
CA PHE A 398 28.48 4.93 -28.36
C PHE A 398 29.52 5.12 -27.29
N ILE A 399 29.37 4.35 -26.22
CA ILE A 399 30.32 4.36 -25.10
C ILE A 399 30.89 2.95 -24.95
N ALA A 400 32.21 2.85 -24.83
CA ALA A 400 32.91 1.58 -24.59
C ALA A 400 32.55 0.94 -23.24
N PRO A 401 32.42 -0.41 -23.19
CA PRO A 401 32.30 -1.08 -21.89
C PRO A 401 33.43 -0.63 -20.97
N THR A 402 33.07 -0.19 -19.78
CA THR A 402 34.03 0.43 -18.86
C THR A 402 34.14 -0.35 -17.56
N VAL A 403 35.36 -0.47 -17.04
CA VAL A 403 35.57 -1.11 -15.76
C VAL A 403 36.50 -0.27 -14.89
N PHE A 404 36.07 0.01 -13.66
CA PHE A 404 36.93 0.59 -12.60
C PHE A 404 37.17 -0.50 -11.55
N THR A 405 38.39 -0.58 -11.02
CA THR A 405 38.64 -1.55 -9.93
C THR A 405 39.25 -0.86 -8.70
N GLU A 406 39.46 -1.62 -7.62
CA GLU A 406 39.86 -1.08 -6.30
C GLU A 406 38.99 0.12 -5.92
N VAL A 407 37.69 -0.03 -6.20
CA VAL A 407 36.75 1.04 -5.92
C VAL A 407 36.37 1.01 -4.45
N PRO A 408 36.51 2.15 -3.75
CA PRO A 408 36.06 2.27 -2.37
C PRO A 408 34.53 2.08 -2.30
N PRO A 409 34.05 1.27 -1.33
CA PRO A 409 32.61 0.98 -1.25
C PRO A 409 31.71 2.22 -1.19
N LYS A 410 32.23 3.33 -0.66
CA LYS A 410 31.45 4.53 -0.49
C LYS A 410 31.73 5.60 -1.55
N ALA A 411 32.50 5.24 -2.57
CA ALA A 411 32.74 6.11 -3.71
C ALA A 411 31.41 6.45 -4.37
N ARG A 412 31.30 7.63 -4.96
CA ARG A 412 30.10 7.93 -5.76
C ARG A 412 29.78 6.86 -6.82
N ILE A 413 30.79 6.39 -7.55
CA ILE A 413 30.55 5.35 -8.61
C ILE A 413 30.18 3.97 -8.04
N ALA A 414 30.33 3.81 -6.72
CA ALA A 414 29.88 2.59 -5.98
C ALA A 414 28.54 2.78 -5.26
N GLN A 415 27.97 3.99 -5.37
CA GLN A 415 26.75 4.35 -4.66
C GLN A 415 25.64 4.87 -5.58
N GLU A 416 26.02 5.62 -6.62
CA GLU A 416 25.02 6.34 -7.42
C GLU A 416 24.74 5.58 -8.70
N GLU A 417 23.47 5.58 -9.12
CA GLU A 417 23.05 4.81 -10.30
C GLU A 417 23.46 5.55 -11.58
N ILE A 418 24.44 5.02 -12.29
CA ILE A 418 25.01 5.64 -13.48
C ILE A 418 24.15 5.30 -14.71
N PHE A 419 23.56 4.10 -14.75
CA PHE A 419 22.70 3.70 -15.89
C PHE A 419 23.42 3.74 -17.24
N GLY A 420 24.60 3.13 -17.30
CA GLY A 420 25.40 3.04 -18.52
C GLY A 420 26.37 1.88 -18.33
N PRO A 421 27.27 1.66 -19.32
CA PRO A 421 28.13 0.47 -19.34
C PRO A 421 29.40 0.63 -18.49
N VAL A 422 29.17 0.85 -17.19
CA VAL A 422 30.24 1.16 -16.24
C VAL A 422 30.14 0.25 -15.02
N LEU A 423 31.12 -0.65 -14.89
CA LEU A 423 31.16 -1.61 -13.80
C LEU A 423 32.24 -1.22 -12.78
N SER A 424 31.86 -1.22 -11.50
CA SER A 424 32.75 -0.84 -10.38
C SER A 424 33.11 -2.09 -9.59
N VAL A 425 34.41 -2.40 -9.56
CA VAL A 425 34.88 -3.65 -8.94
C VAL A 425 35.45 -3.29 -7.56
N ILE A 426 34.93 -4.00 -6.56
CA ILE A 426 35.25 -3.72 -5.15
C ILE A 426 35.85 -4.98 -4.55
N ARG A 427 37.05 -4.86 -4.00
CA ARG A 427 37.76 -6.00 -3.44
C ARG A 427 37.56 -6.08 -1.92
N VAL A 428 37.15 -7.25 -1.43
CA VAL A 428 36.82 -7.41 0.00
C VAL A 428 37.52 -8.64 0.57
N LYS A 429 37.61 -8.71 1.89
CA LYS A 429 38.34 -9.83 2.53
C LYS A 429 37.63 -11.17 2.37
N ASP A 430 36.34 -11.20 2.67
CA ASP A 430 35.64 -12.47 2.79
C ASP A 430 34.17 -12.27 2.52
N PHE A 431 33.41 -13.36 2.63
CA PHE A 431 31.98 -13.30 2.30
C PHE A 431 31.18 -12.38 3.22
N ALA A 432 31.47 -12.42 4.52
CA ALA A 432 30.81 -11.52 5.46
C ALA A 432 30.97 -10.06 5.03
N GLU A 433 32.21 -9.69 4.70
CA GLU A 433 32.49 -8.35 4.18
C GLU A 433 31.80 -8.08 2.82
N ALA A 434 31.71 -9.11 1.97
CA ALA A 434 31.01 -8.95 0.70
C ALA A 434 29.55 -8.55 0.93
N LEU A 435 28.87 -9.25 1.85
CA LEU A 435 27.47 -8.93 2.17
C LEU A 435 27.34 -7.54 2.78
N GLU A 436 28.26 -7.15 3.66
CA GLU A 436 28.20 -5.82 4.27
C GLU A 436 28.25 -4.75 3.19
N VAL A 437 29.20 -4.92 2.26
CA VAL A 437 29.37 -3.96 1.17
C VAL A 437 28.17 -4.00 0.24
N ALA A 438 27.66 -5.20 -0.03
CA ALA A 438 26.50 -5.33 -0.92
C ALA A 438 25.31 -4.55 -0.35
N ASN A 439 25.12 -4.63 0.97
CA ASN A 439 23.96 -4.04 1.64
C ASN A 439 24.05 -2.51 1.85
N ASP A 440 25.27 -2.01 1.89
CA ASP A 440 25.51 -0.65 2.27
C ASP A 440 25.41 0.28 1.09
N THR A 441 24.20 0.36 0.52
CA THR A 441 23.84 1.42 -0.45
C THR A 441 22.41 1.84 -0.06
N PRO A 442 21.88 2.93 -0.66
CA PRO A 442 20.50 3.29 -0.31
C PRO A 442 19.43 2.41 -1.03
N TYR A 443 19.90 1.48 -1.87
CA TYR A 443 19.03 0.74 -2.79
C TYR A 443 18.84 -0.71 -2.39
N GLY A 444 17.96 -1.40 -3.10
CA GLY A 444 17.76 -2.83 -2.77
C GLY A 444 16.97 -3.56 -3.82
N LEU A 445 17.41 -3.43 -5.07
CA LEU A 445 16.62 -3.95 -6.21
C LEU A 445 17.03 -5.35 -6.61
N THR A 446 18.17 -5.50 -7.28
CA THR A 446 18.64 -6.85 -7.65
C THR A 446 20.02 -7.10 -7.07
N GLY A 447 20.41 -8.38 -7.03
CA GLY A 447 21.75 -8.73 -6.62
C GLY A 447 21.99 -10.16 -7.01
N GLY A 448 23.25 -10.60 -6.95
CA GLY A 448 23.57 -11.99 -7.31
C GLY A 448 24.76 -12.51 -6.53
N VAL A 449 24.88 -13.82 -6.42
CA VAL A 449 26.04 -14.39 -5.78
C VAL A 449 26.48 -15.55 -6.67
N TYR A 450 27.77 -15.60 -7.03
CA TYR A 450 28.34 -16.82 -7.62
C TYR A 450 29.16 -17.46 -6.50
N SER A 451 28.75 -18.67 -6.12
CA SER A 451 29.42 -19.47 -5.08
C SER A 451 28.96 -20.92 -5.22
N ARG A 452 29.84 -21.86 -4.90
CA ARG A 452 29.43 -23.25 -4.77
C ARG A 452 29.17 -23.62 -3.31
N LYS A 453 29.55 -22.74 -2.39
CA LYS A 453 29.37 -23.01 -0.98
C LYS A 453 27.94 -22.82 -0.49
N ARG A 454 27.26 -23.91 -0.10
CA ARG A 454 25.83 -23.81 0.26
C ARG A 454 25.55 -22.86 1.37
N GLU A 455 26.44 -22.83 2.37
CA GLU A 455 26.28 -21.97 3.53
C GLU A 455 26.29 -20.48 3.12
N HIS A 456 27.07 -20.16 2.09
CA HIS A 456 27.17 -18.78 1.61
C HIS A 456 25.92 -18.34 0.83
N LEU A 457 25.46 -19.22 -0.07
CA LEU A 457 24.18 -19.03 -0.75
C LEU A 457 23.01 -18.87 0.19
N GLU A 458 22.87 -19.77 1.16
CA GLU A 458 21.70 -19.71 2.05
C GLU A 458 21.80 -18.51 3.00
N TRP A 459 23.03 -18.13 3.37
CA TRP A 459 23.26 -16.90 4.16
C TRP A 459 22.79 -15.66 3.36
N ALA A 460 23.15 -15.58 2.08
CA ALA A 460 22.71 -14.50 1.18
C ALA A 460 21.20 -14.51 1.04
N ARG A 461 20.61 -15.70 0.96
CA ARG A 461 19.15 -15.83 0.89
C ARG A 461 18.48 -15.05 2.02
N ARG A 462 19.06 -15.15 3.21
CA ARG A 462 18.55 -14.48 4.41
C ARG A 462 18.99 -13.02 4.56
N GLU A 463 20.20 -12.68 4.11
CA GLU A 463 20.83 -11.39 4.49
C GLU A 463 21.22 -10.38 3.40
N PHE A 464 21.30 -10.83 2.15
CA PHE A 464 21.58 -9.96 1.01
C PHE A 464 20.25 -9.26 0.69
N HIS A 465 20.10 -8.02 1.18
CA HIS A 465 18.78 -7.39 1.27
C HIS A 465 18.36 -6.68 -0.04
N VAL A 466 17.95 -7.48 -1.00
CA VAL A 466 17.48 -7.00 -2.31
C VAL A 466 16.19 -7.74 -2.65
N GLY A 467 15.30 -7.11 -3.42
CA GLY A 467 14.01 -7.71 -3.76
C GLY A 467 14.11 -8.90 -4.68
N ASN A 468 15.14 -8.90 -5.53
CA ASN A 468 15.34 -9.95 -6.55
C ASN A 468 16.78 -10.43 -6.53
N LEU A 469 16.97 -11.64 -6.02
CA LEU A 469 18.33 -12.16 -5.75
C LEU A 469 18.50 -13.39 -6.63
N TYR A 470 19.69 -13.56 -7.21
CA TYR A 470 19.95 -14.71 -8.10
C TYR A 470 21.28 -15.32 -7.77
N PHE A 471 21.31 -16.66 -7.80
CA PHE A 471 22.51 -17.43 -7.49
C PHE A 471 23.02 -18.16 -8.71
N ASN A 472 24.29 -17.91 -9.06
CA ASN A 472 24.98 -18.62 -10.13
C ASN A 472 24.32 -18.41 -11.50
N ARG A 473 23.89 -17.17 -11.72
CA ARG A 473 23.29 -16.73 -12.97
C ARG A 473 23.18 -15.21 -12.98
N LYS A 474 22.91 -14.67 -14.16
CA LYS A 474 22.74 -13.24 -14.38
C LYS A 474 21.65 -12.67 -13.44
N ILE A 475 21.75 -11.39 -13.14
CA ILE A 475 20.82 -10.76 -12.21
C ILE A 475 19.78 -9.87 -12.92
N THR A 476 19.84 -9.88 -14.25
CA THR A 476 18.87 -9.14 -15.09
C THR A 476 17.86 -10.12 -15.69
N GLY A 477 16.81 -9.56 -16.33
CA GLY A 477 15.85 -10.34 -17.09
C GLY A 477 14.86 -11.18 -16.27
N ALA A 478 14.40 -10.62 -15.16
CA ALA A 478 13.40 -11.25 -14.31
C ALA A 478 12.18 -11.60 -15.19
N LEU A 479 11.76 -12.85 -15.12
CA LEU A 479 10.63 -13.30 -15.94
C LEU A 479 9.32 -13.12 -15.20
N VAL A 480 8.31 -12.58 -15.89
CA VAL A 480 6.97 -12.45 -15.37
C VAL A 480 6.46 -13.81 -14.85
N GLY A 481 5.84 -13.83 -13.67
CA GLY A 481 5.31 -15.06 -13.10
C GLY A 481 6.36 -15.81 -12.28
N VAL A 482 7.59 -15.89 -12.80
CA VAL A 482 8.64 -16.74 -12.23
C VAL A 482 9.33 -15.95 -11.11
N GLN A 483 9.70 -14.71 -11.41
CA GLN A 483 10.44 -13.88 -10.47
C GLN A 483 9.72 -12.56 -10.25
N PRO A 484 8.77 -12.50 -9.28
CA PRO A 484 8.11 -11.22 -8.95
C PRO A 484 9.16 -10.13 -8.84
N PHE A 485 8.96 -9.00 -9.51
CA PHE A 485 10.04 -8.00 -9.65
C PHE A 485 9.77 -6.70 -8.91
N GLY A 486 10.69 -6.32 -8.04
CA GLY A 486 10.51 -5.08 -7.29
C GLY A 486 11.42 -5.12 -6.10
N GLY A 487 11.74 -3.95 -5.56
CA GLY A 487 12.86 -3.88 -4.57
C GLY A 487 12.52 -3.40 -3.19
N PHE A 488 13.57 -3.15 -2.41
CA PHE A 488 13.48 -2.59 -1.08
C PHE A 488 14.14 -1.22 -1.04
N LYS A 489 14.01 -0.54 0.10
CA LYS A 489 14.76 0.68 0.38
C LYS A 489 14.48 1.70 -0.74
N LEU A 490 15.48 2.44 -1.21
CA LEU A 490 15.19 3.48 -2.21
C LEU A 490 15.09 2.96 -3.63
N SER A 491 14.97 1.63 -3.77
CA SER A 491 14.57 1.06 -5.04
C SER A 491 13.04 1.11 -5.22
N GLY A 492 12.33 1.61 -4.20
CA GLY A 492 10.90 1.89 -4.36
C GLY A 492 9.98 1.24 -3.36
N THR A 493 8.75 1.01 -3.78
CA THR A 493 7.71 0.57 -2.84
C THR A 493 7.43 -0.94 -2.84
N ASN A 494 8.27 -1.72 -3.52
CA ASN A 494 8.15 -3.19 -3.52
C ASN A 494 6.81 -3.63 -4.13
N ALA A 495 6.31 -2.85 -5.09
CA ALA A 495 5.17 -3.28 -5.91
C ALA A 495 5.69 -4.37 -6.81
N LYS A 496 5.37 -5.61 -6.51
CA LYS A 496 5.98 -6.71 -7.26
C LYS A 496 5.30 -6.95 -8.61
N THR A 497 5.95 -6.55 -9.70
CA THR A 497 5.38 -6.77 -11.05
C THR A 497 5.43 -8.24 -11.44
N GLY A 498 4.57 -8.67 -12.38
CA GLY A 498 4.53 -10.09 -12.76
C GLY A 498 4.24 -11.06 -11.62
N ALA A 499 3.41 -10.61 -10.67
CA ALA A 499 3.02 -11.40 -9.49
C ALA A 499 1.57 -11.15 -9.10
N LEU A 500 0.94 -12.14 -8.47
CA LEU A 500 -0.47 -12.02 -8.08
C LEU A 500 -0.72 -10.78 -7.24
N ASP A 501 0.22 -10.47 -6.34
CA ASP A 501 0.09 -9.32 -5.43
C ASP A 501 0.03 -7.97 -6.11
N TYR A 502 0.54 -7.89 -7.34
CA TYR A 502 0.58 -6.59 -8.03
C TYR A 502 -0.85 -6.06 -8.18
N LEU A 503 -1.81 -6.92 -8.52
CA LEU A 503 -3.14 -6.40 -8.83
C LEU A 503 -3.88 -5.89 -7.60
N ARG A 504 -3.54 -6.44 -6.44
CA ARG A 504 -4.15 -6.03 -5.17
C ARG A 504 -3.93 -4.55 -4.89
N LEU A 505 -2.82 -4.01 -5.39
CA LEU A 505 -2.47 -2.63 -5.24
C LEU A 505 -3.45 -1.68 -5.91
N PHE A 506 -4.24 -2.20 -6.85
CA PHE A 506 -5.14 -1.34 -7.67
C PHE A 506 -6.63 -1.58 -7.34
N LEU A 507 -6.85 -2.12 -6.14
CA LEU A 507 -8.17 -2.53 -5.65
C LEU A 507 -8.35 -2.03 -4.23
N GLU A 508 -9.60 -1.74 -3.86
CA GLU A 508 -9.97 -1.56 -2.47
C GLU A 508 -11.07 -2.61 -2.18
N MET A 509 -11.30 -2.89 -0.89
CA MET A 509 -12.27 -3.93 -0.49
C MET A 509 -13.50 -3.32 0.13
N LYS A 510 -14.66 -3.88 -0.21
CA LYS A 510 -15.91 -3.51 0.45
C LYS A 510 -16.41 -4.77 1.22
N ALA A 511 -17.01 -4.56 2.39
CA ALA A 511 -17.65 -5.66 3.17
C ALA A 511 -19.12 -5.34 3.32
N VAL A 512 -19.97 -6.24 2.84
CA VAL A 512 -21.41 -5.99 2.87
C VAL A 512 -22.18 -7.11 3.61
N ALA A 513 -22.90 -6.73 4.68
CA ALA A 513 -23.62 -7.72 5.52
C ALA A 513 -25.10 -7.54 5.35
N GLU A 514 -25.81 -8.66 5.18
CA GLU A 514 -27.26 -8.61 5.24
C GLU A 514 -27.74 -9.50 6.38
N ARG A 515 -28.47 -8.90 7.32
CA ARG A 515 -29.10 -9.68 8.38
C ARG A 515 -30.51 -10.05 7.91
N PHE A 516 -30.79 -11.33 7.81
CA PHE A 516 -32.03 -11.77 7.17
C PHE A 516 -33.25 -11.67 8.08
N MET B 1 1.55 -25.58 13.50
CA MET B 1 0.77 -25.44 14.75
C MET B 1 -0.74 -25.53 14.46
N THR B 2 -1.49 -26.28 15.28
CA THR B 2 -2.92 -26.54 15.01
C THR B 2 -3.78 -26.16 16.21
N VAL B 3 -4.65 -25.18 15.98
CA VAL B 3 -5.56 -24.67 16.97
C VAL B 3 -6.97 -24.77 16.40
N GLU B 4 -7.96 -24.52 17.24
CA GLU B 4 -9.35 -24.57 16.81
C GLU B 4 -9.60 -23.51 15.76
N PRO B 5 -10.53 -23.76 14.82
CA PRO B 5 -10.88 -22.71 13.87
C PRO B 5 -11.29 -21.46 14.63
N PHE B 6 -10.90 -20.31 14.10
CA PHE B 6 -11.26 -19.03 14.69
C PHE B 6 -12.76 -18.92 14.95
N ARG B 7 -13.13 -18.49 16.16
CA ARG B 7 -14.49 -18.04 16.46
C ARG B 7 -14.37 -16.71 17.19
N ASN B 8 -15.38 -15.86 17.08
CA ASN B 8 -15.37 -14.57 17.82
C ASN B 8 -15.61 -14.80 19.29
N GLU B 9 -14.93 -14.01 20.13
CA GLU B 9 -15.13 -14.05 21.58
C GLU B 9 -16.55 -13.52 21.90
N PRO B 10 -17.34 -14.32 22.62
CA PRO B 10 -18.72 -13.92 22.98
C PRO B 10 -18.72 -12.61 23.75
N ILE B 11 -19.62 -11.70 23.36
CA ILE B 11 -19.79 -10.42 24.07
C ILE B 11 -20.75 -10.60 25.25
N GLU B 12 -20.27 -10.33 26.46
CA GLU B 12 -21.04 -10.52 27.68
C GLU B 12 -22.20 -9.53 27.67
N THR B 13 -23.41 -10.02 27.96
CA THR B 13 -24.62 -9.18 28.06
C THR B 13 -25.04 -8.92 29.52
N PHE B 14 -24.39 -9.60 30.47
CA PHE B 14 -24.66 -9.42 31.91
C PHE B 14 -26.12 -9.72 32.32
N GLN B 15 -26.69 -10.75 31.70
CA GLN B 15 -28.06 -11.16 31.97
C GLN B 15 -28.12 -12.13 33.13
N THR B 16 -27.00 -12.77 33.44
CA THR B 16 -26.96 -13.65 34.60
C THR B 16 -26.47 -12.91 35.83
N GLU B 17 -26.93 -13.40 36.98
CA GLU B 17 -26.51 -12.87 38.25
C GLU B 17 -25.00 -13.02 38.40
N GLU B 18 -24.48 -14.18 38.00
CA GLU B 18 -23.04 -14.42 38.06
C GLU B 18 -22.24 -13.37 37.27
N ALA B 19 -22.72 -13.05 36.08
CA ALA B 19 -22.07 -12.03 35.24
C ALA B 19 -22.05 -10.66 35.93
N ARG B 20 -23.20 -10.27 36.48
CA ARG B 20 -23.34 -8.97 37.14
C ARG B 20 -22.45 -8.91 38.38
N ARG B 21 -22.48 -9.99 39.17
CA ARG B 21 -21.61 -10.14 40.33
C ARG B 21 -20.13 -10.00 39.97
N ALA B 22 -19.71 -10.71 38.92
CA ALA B 22 -18.32 -10.66 38.43
C ALA B 22 -17.94 -9.24 38.01
N MET B 23 -18.86 -8.52 37.37
CA MET B 23 -18.57 -7.14 36.96
C MET B 23 -18.37 -6.22 38.17
N ARG B 24 -19.28 -6.33 39.14
CA ARG B 24 -19.20 -5.51 40.35
C ARG B 24 -17.90 -5.75 41.08
N GLU B 25 -17.49 -7.01 41.17
CA GLU B 25 -16.22 -7.39 41.74
C GLU B 25 -15.05 -6.72 41.00
N ALA B 26 -15.10 -6.73 39.66
CA ALA B 26 -14.05 -6.10 38.84
C ALA B 26 -14.00 -4.59 39.01
N LEU B 27 -15.19 -3.96 39.02
CA LEU B 27 -15.32 -2.51 39.24
C LEU B 27 -14.72 -2.11 40.58
N ARG B 28 -15.00 -2.90 41.62
CA ARG B 28 -14.40 -2.67 42.93
C ARG B 28 -12.87 -2.79 42.94
N ARG B 29 -12.33 -3.86 42.35
CA ARG B 29 -10.87 -3.99 42.25
C ARG B 29 -10.20 -2.85 41.52
N VAL B 30 -10.81 -2.44 40.41
CA VAL B 30 -10.27 -1.37 39.59
C VAL B 30 -10.26 -0.03 40.33
N ARG B 31 -11.37 0.29 41.01
CA ARG B 31 -11.42 1.59 41.72
C ARG B 31 -10.51 1.59 42.93
N GLU B 32 -10.31 0.43 43.56
CA GLU B 32 -9.36 0.32 44.67
C GLU B 32 -7.93 0.57 44.21
N GLU B 33 -7.70 0.47 42.90
CA GLU B 33 -6.38 0.70 42.30
C GLU B 33 -6.24 2.07 41.60
N PHE B 34 -7.21 2.96 41.80
CA PHE B 34 -7.17 4.28 41.14
C PHE B 34 -5.90 5.04 41.48
N GLY B 35 -5.27 4.68 42.60
CA GLY B 35 -4.02 5.33 43.00
C GLY B 35 -2.76 4.88 42.25
N ARG B 36 -2.86 3.82 41.46
CA ARG B 36 -1.71 3.25 40.76
C ARG B 36 -1.02 4.19 39.76
N HIS B 37 0.29 4.02 39.64
CA HIS B 37 1.08 4.73 38.65
C HIS B 37 1.68 3.73 37.66
N TYR B 38 1.59 4.04 36.36
CA TYR B 38 2.06 3.09 35.33
C TYR B 38 3.18 3.74 34.53
N PRO B 39 4.40 3.18 34.61
CA PRO B 39 5.54 3.71 33.86
C PRO B 39 5.42 3.41 32.34
N LEU B 40 6.36 3.96 31.57
CA LEU B 40 6.60 3.56 30.18
C LEU B 40 7.05 2.10 30.14
N TYR B 41 6.95 1.47 28.97
CA TYR B 41 7.49 0.12 28.78
C TYR B 41 8.39 0.19 27.58
N ILE B 42 9.70 0.04 27.81
CA ILE B 42 10.74 0.15 26.79
C ILE B 42 11.76 -0.96 26.98
N GLY B 43 12.06 -1.67 25.89
CA GLY B 43 13.08 -2.71 25.93
C GLY B 43 12.81 -3.74 27.01
N GLY B 44 11.55 -4.13 27.17
CA GLY B 44 11.17 -5.20 28.09
C GLY B 44 11.13 -4.81 29.56
N GLU B 45 11.22 -3.53 29.84
CA GLU B 45 11.13 -3.07 31.23
C GLU B 45 10.25 -1.85 31.40
N TRP B 46 9.66 -1.73 32.57
CA TRP B 46 8.90 -0.53 32.94
C TRP B 46 9.90 0.58 33.30
N VAL B 47 9.79 1.71 32.61
CA VAL B 47 10.74 2.80 32.77
C VAL B 47 9.94 4.03 33.14
N ASP B 48 10.23 4.59 34.31
CA ASP B 48 9.51 5.74 34.81
C ASP B 48 10.15 7.04 34.32
N THR B 49 9.42 8.15 34.47
CA THR B 49 9.90 9.46 34.13
C THR B 49 9.58 10.40 35.29
N LYS B 50 10.27 11.55 35.35
CA LYS B 50 10.03 12.57 36.35
C LYS B 50 8.63 13.15 36.21
N GLU B 51 8.27 13.55 34.99
CA GLU B 51 6.94 14.10 34.72
C GLU B 51 5.89 13.00 34.64
N ARG B 52 4.62 13.35 34.88
CA ARG B 52 3.54 12.36 34.79
C ARG B 52 2.32 12.89 34.04
N MET B 53 1.41 11.97 33.72
CA MET B 53 0.14 12.29 33.09
C MET B 53 -0.95 11.77 34.03
N VAL B 54 -2.04 12.51 34.13
CA VAL B 54 -3.19 12.11 34.97
C VAL B 54 -4.36 11.63 34.08
N SER B 55 -5.02 10.55 34.48
CA SER B 55 -6.20 10.05 33.77
C SER B 55 -7.42 10.23 34.69
N LEU B 56 -8.45 10.90 34.18
CA LEU B 56 -9.65 11.23 34.92
C LEU B 56 -10.82 10.33 34.57
N ASN B 57 -11.78 10.26 35.49
CA ASN B 57 -13.04 9.56 35.26
C ASN B 57 -14.00 10.52 34.56
N PRO B 58 -14.36 10.26 33.28
CA PRO B 58 -15.27 11.22 32.61
C PRO B 58 -16.66 11.30 33.24
N SER B 59 -17.03 10.31 34.07
CA SER B 59 -18.31 10.35 34.77
C SER B 59 -18.22 11.12 36.07
N ALA B 60 -16.99 11.48 36.47
CA ALA B 60 -16.69 12.15 37.75
C ALA B 60 -15.30 12.73 37.63
N PRO B 61 -15.14 13.77 36.78
CA PRO B 61 -13.79 14.18 36.41
C PRO B 61 -12.87 14.69 37.52
N SER B 62 -13.40 14.87 38.73
CA SER B 62 -12.55 15.19 39.90
C SER B 62 -11.89 13.92 40.46
N GLU B 63 -12.28 12.77 39.92
CA GLU B 63 -11.70 11.50 40.34
C GLU B 63 -10.62 11.02 39.35
N VAL B 64 -9.41 10.87 39.87
CA VAL B 64 -8.27 10.30 39.15
C VAL B 64 -8.37 8.78 39.10
N VAL B 65 -8.20 8.22 37.89
CA VAL B 65 -8.28 6.76 37.73
C VAL B 65 -6.91 6.11 37.66
N GLY B 66 -5.87 6.94 37.57
CA GLY B 66 -4.47 6.48 37.54
C GLY B 66 -3.59 7.59 36.99
N THR B 67 -2.28 7.40 37.10
CA THR B 67 -1.30 8.30 36.48
C THR B 67 -0.30 7.43 35.74
N THR B 68 0.34 8.03 34.75
CA THR B 68 1.34 7.29 34.00
C THR B 68 2.57 8.16 33.85
N ALA B 69 3.66 7.54 33.42
CA ALA B 69 4.85 8.28 33.02
C ALA B 69 4.56 9.07 31.75
N LYS B 70 5.47 9.97 31.42
CA LYS B 70 5.29 10.83 30.25
C LYS B 70 6.55 10.84 29.39
N ALA B 71 6.45 10.24 28.20
CA ALA B 71 7.59 10.15 27.27
C ALA B 71 7.79 11.46 26.55
N GLY B 72 9.05 11.80 26.32
CA GLY B 72 9.40 12.86 25.38
C GLY B 72 10.27 12.27 24.27
N LYS B 73 10.95 13.14 23.52
CA LYS B 73 11.78 12.70 22.40
C LYS B 73 12.84 11.69 22.79
N ALA B 74 13.45 11.88 23.95
CA ALA B 74 14.53 11.02 24.43
C ALA B 74 14.10 9.60 24.66
N GLU B 75 12.93 9.45 25.26
CA GLU B 75 12.34 8.14 25.52
C GLU B 75 11.89 7.53 24.18
N ALA B 76 11.35 8.37 23.30
CA ALA B 76 11.01 7.97 21.91
C ALA B 76 12.21 7.40 21.13
N GLU B 77 13.35 8.10 21.21
CA GLU B 77 14.59 7.60 20.64
C GLU B 77 15.09 6.30 21.32
N ALA B 78 14.98 6.22 22.64
CA ALA B 78 15.36 5.00 23.35
C ALA B 78 14.51 3.81 22.88
N ALA B 79 13.21 4.04 22.73
CA ALA B 79 12.27 2.98 22.31
C ALA B 79 12.57 2.56 20.88
N LEU B 80 12.90 3.52 20.03
CA LEU B 80 13.26 3.25 18.63
C LEU B 80 14.50 2.40 18.53
N GLU B 81 15.51 2.72 19.33
CA GLU B 81 16.71 1.89 19.38
C GLU B 81 16.40 0.45 19.85
N ALA B 82 15.59 0.34 20.90
CA ALA B 82 15.20 -0.96 21.43
C ALA B 82 14.42 -1.75 20.37
N ALA B 83 13.53 -1.06 19.65
CA ALA B 83 12.70 -1.73 18.63
C ALA B 83 13.54 -2.29 17.48
N TRP B 84 14.49 -1.49 17.00
CA TRP B 84 15.36 -1.95 15.92
C TRP B 84 16.30 -3.07 16.37
N LYS B 85 16.79 -2.97 17.60
CA LYS B 85 17.63 -4.04 18.15
C LYS B 85 16.84 -5.35 18.22
N ALA B 86 15.60 -5.27 18.70
CA ALA B 86 14.72 -6.44 18.80
C ALA B 86 14.39 -7.01 17.43
N PHE B 87 14.11 -6.12 16.48
CA PHE B 87 13.75 -6.55 15.12
C PHE B 87 14.77 -7.52 14.50
N LYS B 88 16.06 -7.24 14.70
CA LYS B 88 17.15 -8.07 14.18
C LYS B 88 16.97 -9.57 14.44
N THR B 89 16.42 -9.93 15.58
CA THR B 89 16.18 -11.35 15.89
C THR B 89 14.73 -11.76 15.84
N TRP B 90 13.83 -10.84 16.20
CA TRP B 90 12.39 -11.13 16.19
C TRP B 90 11.92 -11.51 14.78
N LYS B 91 12.52 -10.88 13.77
CA LYS B 91 12.20 -11.18 12.37
C LYS B 91 12.54 -12.61 11.99
N ASP B 92 13.45 -13.23 12.73
CA ASP B 92 13.94 -14.55 12.37
C ASP B 92 13.23 -15.65 13.15
N TRP B 93 12.31 -15.28 14.03
CA TRP B 93 11.52 -16.30 14.74
C TRP B 93 10.67 -17.05 13.74
N PRO B 94 10.57 -18.38 13.88
CA PRO B 94 9.59 -19.12 13.06
C PRO B 94 8.22 -18.48 13.25
N GLN B 95 7.41 -18.46 12.20
CA GLN B 95 6.05 -17.87 12.35
C GLN B 95 5.22 -18.60 13.41
N GLU B 96 5.33 -19.92 13.47
CA GLU B 96 4.63 -20.69 14.48
C GLU B 96 4.97 -20.21 15.90
N ASP B 97 6.23 -19.81 16.13
CA ASP B 97 6.66 -19.33 17.45
C ASP B 97 6.03 -17.98 17.75
N ARG B 98 6.00 -17.08 16.78
CA ARG B 98 5.38 -15.77 16.98
C ARG B 98 3.87 -15.91 17.20
N SER B 99 3.23 -16.77 16.41
CA SER B 99 1.79 -16.97 16.55
C SER B 99 1.43 -17.57 17.91
N ARG B 100 2.25 -18.48 18.43
CA ARG B 100 2.03 -19.00 19.76
C ARG B 100 2.12 -17.90 20.84
N LEU B 101 3.07 -16.98 20.66
CA LEU B 101 3.22 -15.88 21.61
C LEU B 101 1.93 -15.08 21.65
N LEU B 102 1.38 -14.76 20.49
CA LEU B 102 0.10 -14.07 20.41
C LEU B 102 -1.00 -14.87 21.08
N LEU B 103 -1.05 -16.18 20.81
CA LEU B 103 -2.12 -16.97 21.41
C LEU B 103 -2.05 -16.96 22.94
N LYS B 104 -0.83 -16.94 23.48
CA LYS B 104 -0.63 -16.82 24.92
C LYS B 104 -1.18 -15.46 25.41
N ALA B 105 -0.85 -14.38 24.69
CA ALA B 105 -1.36 -13.04 25.01
C ALA B 105 -2.89 -12.99 25.02
N ALA B 106 -3.54 -13.61 24.02
CA ALA B 106 -5.00 -13.69 23.99
C ALA B 106 -5.57 -14.42 25.20
N ALA B 107 -4.95 -15.53 25.59
CA ALA B 107 -5.40 -16.32 26.75
C ALA B 107 -5.26 -15.50 28.04
N LEU B 108 -4.19 -14.74 28.18
CA LEU B 108 -4.02 -13.90 29.37
C LEU B 108 -5.07 -12.78 29.40
N MET B 109 -5.33 -12.18 28.23
CA MET B 109 -6.33 -11.11 28.13
C MET B 109 -7.71 -11.65 28.46
N ARG B 110 -8.08 -12.78 27.86
CA ARG B 110 -9.35 -13.44 28.19
C ARG B 110 -9.54 -13.62 29.71
N ARG B 111 -8.45 -13.99 30.39
CA ARG B 111 -8.50 -14.21 31.85
C ARG B 111 -8.63 -12.92 32.67
N ARG B 112 -8.36 -11.78 32.05
CA ARG B 112 -8.50 -10.49 32.71
C ARG B 112 -9.60 -9.62 32.09
N LYS B 113 -10.54 -10.24 31.36
CA LYS B 113 -11.59 -9.49 30.64
C LYS B 113 -12.36 -8.52 31.52
N ARG B 114 -12.82 -8.99 32.68
CA ARG B 114 -13.65 -8.14 33.56
C ARG B 114 -12.88 -6.92 34.04
N GLU B 115 -11.63 -7.12 34.48
CA GLU B 115 -10.75 -6.03 34.94
C GLU B 115 -10.56 -4.98 33.82
N LEU B 116 -10.29 -5.46 32.60
CA LEU B 116 -10.15 -4.56 31.45
C LEU B 116 -11.46 -3.84 31.16
N GLU B 117 -12.58 -4.56 31.14
CA GLU B 117 -13.90 -3.94 30.92
C GLU B 117 -14.15 -2.83 31.94
N ALA B 118 -13.93 -3.16 33.23
CA ALA B 118 -14.15 -2.20 34.32
C ALA B 118 -13.23 -0.97 34.20
N THR B 119 -12.03 -1.16 33.68
CA THR B 119 -11.13 -0.02 33.41
C THR B 119 -11.71 0.86 32.29
N LEU B 120 -12.26 0.25 31.23
CA LEU B 120 -12.89 1.03 30.16
C LEU B 120 -14.09 1.80 30.72
N VAL B 121 -14.85 1.16 31.60
CA VAL B 121 -16.00 1.85 32.23
C VAL B 121 -15.55 3.15 32.92
N TYR B 122 -14.56 3.02 33.80
CA TYR B 122 -14.12 4.16 34.61
C TYR B 122 -13.28 5.17 33.86
N GLU B 123 -12.43 4.72 32.92
CA GLU B 123 -11.48 5.63 32.26
C GLU B 123 -12.05 6.33 31.02
N VAL B 124 -12.87 5.63 30.24
CA VAL B 124 -13.40 6.22 29.00
C VAL B 124 -14.93 6.30 28.95
N GLY B 125 -15.59 5.86 30.02
CA GLY B 125 -17.05 6.01 30.13
C GLY B 125 -17.88 5.11 29.24
N LYS B 126 -17.38 3.91 29.02
CA LYS B 126 -18.16 2.92 28.32
C LYS B 126 -19.14 2.29 29.28
N ASN B 127 -20.35 2.02 28.82
CA ASN B 127 -21.27 1.25 29.63
C ASN B 127 -20.84 -0.21 29.55
N TRP B 128 -21.55 -1.12 30.19
CA TRP B 128 -20.97 -2.45 30.43
C TRP B 128 -20.82 -3.25 29.15
N VAL B 129 -21.84 -3.20 28.29
CA VAL B 129 -21.83 -3.99 27.04
C VAL B 129 -20.87 -3.40 26.01
N GLU B 130 -20.79 -2.07 25.94
CA GLU B 130 -19.75 -1.43 25.11
C GLU B 130 -18.36 -1.86 25.57
N ALA B 131 -18.15 -1.86 26.88
CA ALA B 131 -16.86 -2.28 27.44
C ALA B 131 -16.56 -3.73 27.04
N SER B 132 -17.54 -4.62 27.20
CA SER B 132 -17.33 -6.02 26.90
C SER B 132 -17.05 -6.22 25.43
N ALA B 133 -17.73 -5.48 24.54
CA ALA B 133 -17.50 -5.61 23.09
C ALA B 133 -16.07 -5.19 22.75
N ASP B 134 -15.59 -4.16 23.43
CA ASP B 134 -14.27 -3.62 23.13
C ASP B 134 -13.25 -4.68 23.49
N VAL B 135 -13.28 -5.20 24.71
CA VAL B 135 -12.27 -6.18 25.12
C VAL B 135 -12.38 -7.45 24.27
N ALA B 136 -13.60 -7.88 23.97
CA ALA B 136 -13.78 -9.08 23.16
C ALA B 136 -13.15 -8.93 21.78
N GLU B 137 -13.28 -7.74 21.21
CA GLU B 137 -12.70 -7.44 19.92
C GLU B 137 -11.18 -7.47 19.95
N ALA B 138 -10.60 -6.98 21.06
CA ALA B 138 -9.16 -7.00 21.20
C ALA B 138 -8.66 -8.46 21.19
N ILE B 139 -9.36 -9.32 21.95
CA ILE B 139 -9.07 -10.77 21.99
C ILE B 139 -9.19 -11.35 20.57
N ASP B 140 -10.28 -11.02 19.90
CA ASP B 140 -10.47 -11.41 18.50
C ASP B 140 -9.31 -11.04 17.59
N PHE B 141 -8.81 -9.80 17.72
CA PHE B 141 -7.71 -9.36 16.83
C PHE B 141 -6.50 -10.25 17.05
N ILE B 142 -6.19 -10.56 18.31
CA ILE B 142 -5.00 -11.36 18.62
C ILE B 142 -5.20 -12.79 18.07
N GLU B 143 -6.38 -13.37 18.33
CA GLU B 143 -6.69 -14.73 17.88
C GLU B 143 -6.69 -14.80 16.34
N TYR B 144 -7.23 -13.77 15.70
CA TYR B 144 -7.36 -13.80 14.24
C TYR B 144 -5.99 -13.57 13.59
N TYR B 145 -5.23 -12.58 14.04
CA TYR B 145 -3.93 -12.31 13.44
C TYR B 145 -2.92 -13.42 13.69
N ALA B 146 -3.01 -14.12 14.83
CA ALA B 146 -2.14 -15.28 15.09
C ALA B 146 -2.27 -16.35 14.01
N ARG B 147 -3.51 -16.66 13.65
CA ARG B 147 -3.82 -17.65 12.64
C ARG B 147 -3.51 -17.14 11.20
N ALA B 148 -3.93 -15.90 10.92
CA ALA B 148 -3.77 -15.30 9.60
C ALA B 148 -2.30 -15.19 9.25
N ALA B 149 -1.47 -14.91 10.23
CA ALA B 149 -0.03 -14.78 10.00
C ALA B 149 0.61 -16.06 9.43
N LEU B 150 0.06 -17.23 9.81
CA LEU B 150 0.58 -18.50 9.29
C LEU B 150 0.37 -18.64 7.79
N ARG B 151 -0.64 -17.95 7.26
CA ARG B 151 -0.93 -18.02 5.83
C ARG B 151 0.17 -17.34 4.99
N TYR B 152 1.04 -16.58 5.65
CA TYR B 152 2.13 -15.86 4.97
C TYR B 152 3.51 -16.51 5.21
N ARG B 153 3.54 -17.64 5.93
CA ARG B 153 4.81 -18.25 6.33
C ARG B 153 5.70 -18.76 5.14
N TYR B 154 7.02 -18.75 5.37
CA TYR B 154 8.04 -19.16 4.39
C TYR B 154 7.76 -20.54 3.77
N PRO B 155 7.86 -20.64 2.43
CA PRO B 155 7.79 -19.53 1.46
C PRO B 155 6.38 -19.50 0.85
N ALA B 156 5.65 -18.42 1.07
CA ALA B 156 4.20 -18.42 0.83
C ALA B 156 3.81 -18.13 -0.62
N VAL B 157 4.72 -17.55 -1.42
CA VAL B 157 4.29 -16.97 -2.71
C VAL B 157 4.14 -17.99 -3.82
N GLU B 158 3.01 -17.95 -4.54
CA GLU B 158 2.79 -18.81 -5.70
C GLU B 158 3.46 -18.20 -6.93
N VAL B 159 4.46 -18.91 -7.46
CA VAL B 159 5.23 -18.47 -8.63
C VAL B 159 5.25 -19.54 -9.70
N VAL B 160 5.50 -19.09 -10.94
CA VAL B 160 5.64 -19.97 -12.11
C VAL B 160 7.05 -20.60 -12.12
N PRO B 161 7.12 -21.93 -12.22
CA PRO B 161 8.47 -22.52 -12.31
C PRO B 161 9.22 -22.30 -13.63
N TYR B 162 10.53 -22.50 -13.57
CA TYR B 162 11.42 -22.30 -14.70
C TYR B 162 12.39 -23.48 -14.74
N PRO B 163 12.69 -24.02 -15.94
CA PRO B 163 13.59 -25.19 -16.00
C PRO B 163 14.99 -24.89 -15.46
N GLY B 164 15.54 -25.85 -14.72
CA GLY B 164 16.90 -25.80 -14.19
C GLY B 164 17.12 -24.89 -13.01
N GLU B 165 16.03 -24.36 -12.45
CA GLU B 165 16.09 -23.37 -11.36
C GLU B 165 15.11 -23.65 -10.27
N ASP B 166 15.49 -23.29 -9.06
CA ASP B 166 14.55 -23.08 -8.00
C ASP B 166 14.17 -21.60 -7.95
N ASN B 167 12.87 -21.31 -7.94
CA ASN B 167 12.43 -19.94 -7.78
C ASN B 167 11.59 -19.84 -6.54
N GLU B 168 12.07 -19.08 -5.56
CA GLU B 168 11.43 -19.04 -4.25
C GLU B 168 11.08 -17.60 -3.86
N SER B 169 9.79 -17.28 -3.78
CA SER B 169 9.40 -15.97 -3.23
C SER B 169 8.74 -16.13 -1.85
N PHE B 170 9.01 -15.14 -1.00
CA PHE B 170 8.62 -15.21 0.39
C PHE B 170 8.50 -13.82 1.00
N TYR B 171 7.74 -13.72 2.09
CA TYR B 171 7.56 -12.43 2.70
C TYR B 171 8.51 -12.22 3.85
N VAL B 172 8.84 -10.95 4.08
CA VAL B 172 9.64 -10.56 5.23
C VAL B 172 9.04 -9.28 5.87
N PRO B 173 9.18 -9.13 7.20
CA PRO B 173 8.64 -7.94 7.85
C PRO B 173 9.44 -6.72 7.47
N LEU B 174 8.82 -5.56 7.66
CA LEU B 174 9.43 -4.24 7.36
C LEU B 174 10.48 -3.74 8.32
N GLY B 175 10.19 -3.82 9.61
CA GLY B 175 11.12 -3.27 10.61
C GLY B 175 10.36 -2.73 11.79
N ALA B 176 10.86 -1.63 12.35
CA ALA B 176 10.25 -0.97 13.51
C ALA B 176 9.34 0.17 13.07
N GLY B 177 8.11 0.19 13.58
CA GLY B 177 7.21 1.29 13.28
C GLY B 177 6.50 1.84 14.50
N VAL B 178 5.65 2.84 14.28
CA VAL B 178 4.95 3.50 15.37
C VAL B 178 3.45 3.33 15.18
N VAL B 179 2.76 3.03 16.28
CA VAL B 179 1.32 2.91 16.30
C VAL B 179 0.78 4.08 17.10
N ILE B 180 -0.17 4.78 16.50
CA ILE B 180 -0.84 5.93 17.14
C ILE B 180 -2.33 5.57 17.28
N ALA B 181 -2.73 5.26 18.51
CA ALA B 181 -4.00 4.61 18.80
C ALA B 181 -5.06 5.62 19.29
N PRO B 182 -6.35 5.30 19.09
CA PRO B 182 -7.47 6.17 19.48
C PRO B 182 -7.96 5.92 20.93
N TRP B 183 -8.73 6.86 21.47
CA TRP B 183 -9.28 6.71 22.81
C TRP B 183 -10.60 5.96 22.83
N ASN B 184 -11.23 5.77 21.67
CA ASN B 184 -12.59 5.28 21.74
C ASN B 184 -12.70 3.77 21.69
N PHE B 185 -11.65 3.11 21.21
CA PHE B 185 -11.47 1.66 21.32
C PHE B 185 -10.05 1.39 21.84
N PRO B 186 -9.79 1.76 23.10
CA PRO B 186 -8.41 1.78 23.58
C PRO B 186 -7.90 0.44 24.10
N VAL B 187 -8.75 -0.59 24.09
CA VAL B 187 -8.23 -1.94 24.16
C VAL B 187 -8.24 -2.58 22.74
N ALA B 188 -9.40 -2.60 22.08
CA ALA B 188 -9.54 -3.30 20.79
C ALA B 188 -8.60 -2.79 19.72
N ILE B 189 -8.72 -1.50 19.38
CA ILE B 189 -7.94 -0.97 18.25
C ILE B 189 -6.48 -0.78 18.62
N PHE B 190 -6.23 -0.32 19.85
CA PHE B 190 -4.87 -0.31 20.44
C PHE B 190 -4.17 -1.66 20.22
N THR B 191 -4.85 -2.74 20.60
CA THR B 191 -4.25 -4.09 20.50
C THR B 191 -4.09 -4.54 19.08
N GLY B 192 -5.15 -4.40 18.29
CA GLY B 192 -5.12 -4.79 16.89
C GLY B 192 -3.98 -4.16 16.08
N MET B 193 -3.84 -2.83 16.24
CA MET B 193 -2.86 -2.06 15.50
C MET B 193 -1.40 -2.44 15.85
N ILE B 194 -1.21 -3.01 17.03
CA ILE B 194 0.11 -3.42 17.49
C ILE B 194 0.39 -4.86 17.10
N VAL B 195 -0.55 -5.74 17.40
CA VAL B 195 -0.28 -7.18 17.23
C VAL B 195 -0.29 -7.65 15.79
N GLY B 196 -1.00 -6.93 14.90
CA GLY B 196 -0.98 -7.30 13.46
C GLY B 196 0.45 -7.21 12.90
N PRO B 197 1.06 -6.01 12.94
CA PRO B 197 2.47 -5.91 12.50
C PRO B 197 3.45 -6.80 13.30
N VAL B 198 3.26 -6.89 14.61
CA VAL B 198 4.16 -7.70 15.43
C VAL B 198 4.08 -9.18 15.07
N ALA B 199 2.88 -9.68 14.77
CA ALA B 199 2.73 -11.13 14.48
C ALA B 199 3.62 -11.65 13.34
N VAL B 200 3.83 -10.82 12.32
CA VAL B 200 4.61 -11.22 11.16
C VAL B 200 6.09 -10.81 11.26
N GLY B 201 6.53 -10.30 12.40
CA GLY B 201 7.98 -10.04 12.51
C GLY B 201 8.38 -8.57 12.67
N ASN B 202 7.42 -7.65 12.65
CA ASN B 202 7.75 -6.25 12.90
C ASN B 202 7.89 -5.98 14.39
N THR B 203 8.45 -4.82 14.72
CA THR B 203 8.43 -4.35 16.09
C THR B 203 7.76 -2.98 16.13
N VAL B 204 7.21 -2.62 17.30
CA VAL B 204 6.27 -1.52 17.41
C VAL B 204 6.53 -0.64 18.61
N ILE B 205 6.41 0.67 18.38
CA ILE B 205 6.34 1.66 19.46
C ILE B 205 4.91 2.17 19.47
N ALA B 206 4.21 1.98 20.59
CA ALA B 206 2.78 2.33 20.65
C ALA B 206 2.52 3.57 21.53
N LYS B 207 1.84 4.57 20.96
CA LYS B 207 1.46 5.78 21.71
C LYS B 207 -0.05 5.72 21.93
N PRO B 208 -0.48 5.47 23.19
CA PRO B 208 -1.91 5.39 23.50
C PRO B 208 -2.49 6.80 23.40
N ALA B 209 -3.81 6.91 23.21
CA ALA B 209 -4.47 8.23 23.32
C ALA B 209 -4.35 8.73 24.76
N GLU B 210 -4.18 10.04 24.94
CA GLU B 210 -4.06 10.63 26.29
C GLU B 210 -5.17 10.21 27.24
N ASP B 211 -6.40 10.14 26.72
CA ASP B 211 -7.57 9.82 27.55
C ASP B 211 -7.65 8.37 28.03
N ALA B 212 -6.82 7.49 27.47
CA ALA B 212 -6.92 6.08 27.77
C ALA B 212 -5.55 5.47 28.04
N VAL B 213 -4.67 6.22 28.70
CA VAL B 213 -3.31 5.74 29.02
C VAL B 213 -3.30 4.58 30.04
N VAL B 214 -4.25 4.58 30.98
CA VAL B 214 -4.31 3.54 32.01
C VAL B 214 -4.67 2.18 31.43
N VAL B 215 -5.69 2.12 30.60
CA VAL B 215 -6.07 0.83 30.06
C VAL B 215 -5.00 0.33 29.05
N GLY B 216 -4.36 1.26 28.35
CA GLY B 216 -3.21 0.94 27.49
C GLY B 216 -2.08 0.26 28.25
N ALA B 217 -1.74 0.79 29.43
CA ALA B 217 -0.72 0.20 30.30
C ALA B 217 -1.08 -1.21 30.73
N LYS B 218 -2.36 -1.43 31.04
CA LYS B 218 -2.82 -2.75 31.46
C LYS B 218 -2.70 -3.75 30.33
N VAL B 219 -3.00 -3.33 29.10
CA VAL B 219 -2.69 -4.21 27.94
C VAL B 219 -1.19 -4.56 27.86
N PHE B 220 -0.35 -3.56 28.13
CA PHE B 220 1.07 -3.84 28.17
C PHE B 220 1.49 -4.79 29.27
N GLU B 221 0.82 -4.76 30.42
CA GLU B 221 1.09 -5.78 31.45
C GLU B 221 0.89 -7.18 30.89
N ILE B 222 -0.16 -7.33 30.10
CA ILE B 222 -0.48 -8.59 29.41
C ILE B 222 0.66 -8.97 28.44
N PHE B 223 1.06 -8.04 27.58
CA PHE B 223 2.23 -8.26 26.68
C PHE B 223 3.47 -8.68 27.46
N HIS B 224 3.73 -8.00 28.57
CA HIS B 224 4.89 -8.31 29.41
C HIS B 224 4.83 -9.73 29.95
N GLU B 225 3.68 -10.08 30.50
CA GLU B 225 3.52 -11.41 31.09
C GLU B 225 3.57 -12.50 30.03
N ALA B 226 3.08 -12.19 28.81
CA ALA B 226 3.11 -13.16 27.73
C ALA B 226 4.54 -13.49 27.31
N GLY B 227 5.45 -12.55 27.52
CA GLY B 227 6.88 -12.76 27.27
C GLY B 227 7.39 -12.34 25.91
N PHE B 228 6.83 -11.27 25.35
CA PHE B 228 7.37 -10.69 24.12
C PHE B 228 8.81 -10.26 24.43
N PRO B 229 9.77 -10.66 23.57
CA PRO B 229 11.17 -10.26 23.80
C PRO B 229 11.35 -8.74 23.97
N PRO B 230 12.38 -8.34 24.72
CA PRO B 230 12.54 -6.89 24.96
C PRO B 230 12.65 -6.11 23.66
N GLY B 231 11.94 -4.99 23.58
CA GLY B 231 11.98 -4.10 22.43
C GLY B 231 10.98 -4.43 21.34
N VAL B 232 10.35 -5.61 21.40
CA VAL B 232 9.36 -6.01 20.38
C VAL B 232 8.11 -5.10 20.41
N VAL B 233 7.59 -4.84 21.61
CA VAL B 233 6.49 -3.89 21.83
C VAL B 233 6.90 -2.87 22.89
N ASN B 234 6.58 -1.60 22.65
CA ASN B 234 6.98 -0.54 23.57
C ASN B 234 5.82 0.41 23.73
N PHE B 235 5.73 1.01 24.91
CA PHE B 235 4.56 1.79 25.37
C PHE B 235 5.03 3.17 25.77
N LEU B 236 4.57 4.19 25.03
CA LEU B 236 4.97 5.57 25.23
C LEU B 236 3.79 6.53 25.34
N PRO B 237 3.10 6.52 26.49
CA PRO B 237 2.11 7.57 26.74
C PRO B 237 2.75 8.96 26.68
N GLY B 238 2.06 9.94 26.09
CA GLY B 238 2.66 11.27 25.99
C GLY B 238 1.61 12.34 25.88
N VAL B 239 1.99 13.59 26.10
CA VAL B 239 1.03 14.71 25.98
C VAL B 239 1.25 15.54 24.71
N GLY B 240 0.18 15.77 23.96
CA GLY B 240 0.27 16.55 22.73
C GLY B 240 1.04 15.84 21.62
N GLU B 241 1.58 16.62 20.69
CA GLU B 241 2.08 16.03 19.44
C GLU B 241 3.56 15.66 19.52
N GLU B 242 4.22 15.94 20.65
CA GLU B 242 5.68 15.76 20.69
C GLU B 242 6.15 14.37 20.26
N VAL B 243 5.66 13.34 20.93
CA VAL B 243 6.15 11.97 20.70
C VAL B 243 5.75 11.52 19.29
N GLY B 244 4.47 11.69 18.96
CA GLY B 244 3.96 11.23 17.67
C GLY B 244 4.67 11.90 16.52
N ALA B 245 4.84 13.22 16.60
CA ALA B 245 5.52 13.93 15.51
C ALA B 245 6.97 13.50 15.36
N TYR B 246 7.68 13.31 16.48
CA TYR B 246 9.08 12.93 16.47
C TYR B 246 9.26 11.62 15.70
N LEU B 247 8.35 10.68 15.95
CA LEU B 247 8.46 9.36 15.38
C LEU B 247 7.97 9.32 13.92
N VAL B 248 6.85 9.99 13.65
CA VAL B 248 6.28 10.04 12.30
C VAL B 248 7.30 10.61 11.28
N GLU B 249 8.03 11.65 11.71
CA GLU B 249 9.02 12.34 10.88
C GLU B 249 10.43 11.75 10.87
N HIS B 250 10.66 10.74 11.71
CA HIS B 250 11.99 10.18 11.95
C HIS B 250 12.49 9.41 10.73
N PRO B 251 13.77 9.62 10.34
CA PRO B 251 14.25 8.86 9.18
C PRO B 251 14.25 7.36 9.41
N ARG B 252 14.30 6.92 10.67
CA ARG B 252 14.41 5.48 10.98
C ARG B 252 13.11 4.83 11.43
N ILE B 253 12.00 5.53 11.28
CA ILE B 253 10.71 4.88 11.48
C ILE B 253 10.27 4.28 10.14
N ARG B 254 9.97 2.97 10.14
CA ARG B 254 9.72 2.25 8.87
C ARG B 254 8.27 2.32 8.39
N PHE B 255 7.32 2.26 9.32
CA PHE B 255 5.90 2.40 8.99
C PHE B 255 5.15 3.12 10.11
N ILE B 256 3.97 3.62 9.78
CA ILE B 256 3.10 4.29 10.72
C ILE B 256 1.69 3.71 10.60
N ASN B 257 1.14 3.27 11.73
CA ASN B 257 -0.23 2.73 11.79
C ASN B 257 -1.03 3.68 12.66
N PHE B 258 -2.03 4.34 12.06
CA PHE B 258 -2.78 5.41 12.75
C PHE B 258 -4.29 5.25 12.66
N THR B 259 -4.97 5.41 13.80
CA THR B 259 -6.43 5.57 13.79
C THR B 259 -6.78 6.79 14.65
N GLY B 260 -7.53 7.71 14.06
CA GLY B 260 -8.01 8.87 14.76
C GLY B 260 -8.64 9.84 13.77
N SER B 261 -8.49 11.13 14.03
CA SER B 261 -9.20 12.16 13.25
C SER B 261 -8.55 12.38 11.90
N LEU B 262 -9.37 12.82 10.95
CA LEU B 262 -8.89 13.19 9.61
C LEU B 262 -7.80 14.27 9.66
N GLU B 263 -8.01 15.28 10.50
CA GLU B 263 -7.05 16.37 10.63
C GLU B 263 -5.64 15.82 10.86
N VAL B 264 -5.54 14.90 11.81
CA VAL B 264 -4.25 14.33 12.15
C VAL B 264 -3.80 13.31 11.10
N GLY B 265 -4.75 12.55 10.56
CA GLY B 265 -4.42 11.54 9.53
C GLY B 265 -3.81 12.18 8.28
N LEU B 266 -4.32 13.34 7.91
CA LEU B 266 -3.84 14.05 6.75
C LEU B 266 -2.40 14.50 6.95
N LYS B 267 -2.09 15.00 8.14
CA LYS B 267 -0.73 15.40 8.47
C LYS B 267 0.22 14.21 8.45
N ILE B 268 -0.23 13.10 9.03
CA ILE B 268 0.59 11.88 9.07
C ILE B 268 0.92 11.39 7.66
N TYR B 269 -0.09 11.30 6.82
CA TYR B 269 0.12 10.82 5.46
C TYR B 269 1.05 11.76 4.67
N GLU B 270 0.88 13.07 4.85
CA GLU B 270 1.75 14.01 4.17
C GLU B 270 3.19 13.85 4.61
N ALA B 271 3.40 13.74 5.93
CA ALA B 271 4.74 13.57 6.48
C ALA B 271 5.38 12.23 6.04
N ALA B 272 4.57 11.18 5.96
CA ALA B 272 5.05 9.85 5.56
C ALA B 272 5.58 9.87 4.12
N GLY B 273 5.00 10.76 3.30
CA GLY B 273 5.42 10.91 1.92
C GLY B 273 6.79 11.56 1.73
N ARG B 274 7.38 12.10 2.79
CA ARG B 274 8.64 12.87 2.67
C ARG B 274 9.86 12.02 3.02
N LEU B 275 10.97 12.27 2.33
CA LEU B 275 12.22 11.61 2.72
C LEU B 275 12.96 12.46 3.77
N ALA B 276 12.86 12.06 5.04
CA ALA B 276 13.68 12.72 6.10
C ALA B 276 15.18 12.61 5.83
N PRO B 277 15.97 13.58 6.35
CA PRO B 277 17.38 13.48 6.05
C PRO B 277 17.96 12.15 6.50
N GLY B 278 18.61 11.46 5.57
CA GLY B 278 19.28 10.19 5.79
C GLY B 278 18.33 9.00 5.76
N GLN B 279 17.07 9.24 5.45
CA GLN B 279 16.10 8.14 5.35
C GLN B 279 16.44 7.27 4.12
N THR B 280 16.34 5.95 4.26
CA THR B 280 16.68 5.04 3.16
C THR B 280 15.52 4.13 2.71
N TRP B 281 14.29 4.59 2.89
CA TRP B 281 13.11 3.83 2.38
C TRP B 281 11.93 4.76 2.12
N PHE B 282 10.92 4.21 1.46
CA PHE B 282 9.65 4.89 1.30
C PHE B 282 8.77 4.43 2.44
N LYS B 283 8.33 5.37 3.29
CA LYS B 283 7.52 5.03 4.47
C LYS B 283 6.14 4.59 4.05
N ARG B 284 5.66 3.54 4.71
CA ARG B 284 4.27 3.15 4.61
C ARG B 284 3.50 3.74 5.77
N ALA B 285 2.35 4.36 5.47
CA ALA B 285 1.46 4.89 6.48
C ALA B 285 0.04 4.36 6.24
N TYR B 286 -0.51 3.74 7.27
CA TYR B 286 -1.88 3.22 7.24
C TYR B 286 -2.74 4.07 8.14
N VAL B 287 -3.76 4.71 7.57
CA VAL B 287 -4.59 5.64 8.37
C VAL B 287 -6.07 5.29 8.28
N GLU B 288 -6.76 5.31 9.42
CA GLU B 288 -8.22 5.21 9.41
C GLU B 288 -8.67 6.48 10.10
N THR B 289 -9.48 7.26 9.39
CA THR B 289 -9.69 8.67 9.73
C THR B 289 -11.16 9.09 9.87
N GLY B 290 -12.02 8.16 10.29
CA GLY B 290 -13.37 8.53 10.68
C GLY B 290 -14.37 8.50 9.55
N GLY B 291 -15.60 8.94 9.82
CA GLY B 291 -16.65 8.86 8.80
C GLY B 291 -17.75 9.85 9.09
N LYS B 292 -18.65 10.02 8.12
CA LYS B 292 -19.93 10.68 8.36
C LYS B 292 -20.99 9.71 7.86
N ASP B 293 -21.31 8.73 8.69
CA ASP B 293 -21.99 7.51 8.26
C ASP B 293 -23.50 7.67 8.31
N ALA B 294 -24.17 7.21 7.26
CA ALA B 294 -25.64 7.32 7.11
C ALA B 294 -26.35 5.98 7.17
N ILE B 295 -27.57 6.01 7.69
CA ILE B 295 -28.50 4.91 7.48
C ILE B 295 -29.60 5.46 6.60
N ILE B 296 -29.86 4.77 5.50
CA ILE B 296 -31.01 5.04 4.62
C ILE B 296 -32.18 4.16 5.01
N VAL B 297 -33.39 4.74 5.11
CA VAL B 297 -34.58 3.90 5.31
C VAL B 297 -35.59 4.30 4.24
N ASP B 298 -36.11 3.32 3.51
CA ASP B 298 -37.18 3.57 2.54
C ASP B 298 -38.54 3.08 3.02
N GLU B 299 -39.57 3.30 2.21
CA GLU B 299 -40.93 3.10 2.71
C GLU B 299 -41.33 1.64 2.85
N THR B 300 -40.48 0.72 2.36
CA THR B 300 -40.73 -0.73 2.45
C THR B 300 -40.15 -1.38 3.70
N ALA B 301 -39.33 -0.65 4.45
CA ALA B 301 -38.64 -1.21 5.62
C ALA B 301 -39.57 -1.62 6.76
N ASP B 302 -39.05 -2.46 7.63
CA ASP B 302 -39.65 -2.67 8.95
C ASP B 302 -39.24 -1.47 9.83
N PHE B 303 -40.17 -0.54 10.00
CA PHE B 303 -39.83 0.74 10.65
C PHE B 303 -39.40 0.61 12.12
N ASP B 304 -39.99 -0.34 12.84
CA ASP B 304 -39.60 -0.60 14.21
C ASP B 304 -38.17 -1.13 14.28
N LEU B 305 -37.90 -2.15 13.45
CA LEU B 305 -36.53 -2.66 13.31
C LEU B 305 -35.55 -1.54 12.95
N ALA B 306 -35.90 -0.72 11.96
CA ALA B 306 -35.07 0.44 11.57
C ALA B 306 -34.81 1.38 12.73
N ALA B 307 -35.87 1.81 13.42
CA ALA B 307 -35.72 2.74 14.55
C ALA B 307 -34.78 2.16 15.62
N GLU B 308 -34.91 0.88 15.91
CA GLU B 308 -34.01 0.28 16.90
C GLU B 308 -32.53 0.37 16.45
N GLY B 309 -32.29 -0.06 15.21
CA GLY B 309 -30.93 -0.08 14.62
C GLY B 309 -30.32 1.31 14.54
N VAL B 310 -31.15 2.30 14.19
CA VAL B 310 -30.68 3.72 14.12
C VAL B 310 -30.23 4.17 15.51
N VAL B 311 -31.05 3.87 16.53
CA VAL B 311 -30.78 4.33 17.89
C VAL B 311 -29.51 3.68 18.45
N VAL B 312 -29.36 2.38 18.25
CA VAL B 312 -28.13 1.68 18.64
C VAL B 312 -26.91 2.29 17.91
N SER B 313 -27.08 2.51 16.60
CA SER B 313 -26.00 3.01 15.76
C SER B 313 -25.61 4.45 16.08
N ALA B 314 -26.61 5.30 16.32
CA ALA B 314 -26.36 6.71 16.58
C ALA B 314 -25.78 6.98 17.99
N TYR B 315 -26.27 6.23 18.98
CA TYR B 315 -26.01 6.60 20.39
C TYR B 315 -25.16 5.62 21.18
N GLY B 316 -24.86 4.47 20.55
CA GLY B 316 -23.94 3.49 21.18
C GLY B 316 -22.62 4.18 21.48
N PHE B 317 -22.07 3.95 22.67
CA PHE B 317 -20.91 4.73 23.20
C PHE B 317 -21.00 6.23 22.93
N GLN B 318 -22.22 6.76 23.06
CA GLN B 318 -22.47 8.19 22.98
C GLN B 318 -22.18 8.74 21.57
N GLY B 319 -22.25 7.86 20.57
CA GLY B 319 -21.96 8.26 19.18
C GLY B 319 -20.48 8.52 18.92
N GLN B 320 -19.61 8.12 19.86
CA GLN B 320 -18.16 8.33 19.74
C GLN B 320 -17.46 7.18 18.98
N LYS B 321 -17.98 6.88 17.80
CA LYS B 321 -17.48 5.84 16.96
C LYS B 321 -17.33 6.38 15.56
N CSO B 322 -16.22 6.01 14.92
CA CSO B 322 -16.02 6.23 13.48
CB CSO B 322 -14.61 5.82 13.01
SG CSO B 322 -14.04 4.21 13.70
SG CSO B 322 -13.79 4.81 14.30
SG CSO B 322 -13.35 6.63 14.00
C CSO B 322 -17.10 5.59 12.62
O CSO B 322 -17.34 6.03 11.49
OD CSO B 322 -14.40 4.12 15.46
OD CSO B 322 -12.05 4.73 14.04
OD CSO B 322 -13.16 5.86 15.60
N SER B 323 -17.75 4.57 13.18
CA SER B 323 -18.84 3.84 12.53
C SER B 323 -20.25 4.35 12.85
N ALA B 324 -20.37 5.31 13.77
CA ALA B 324 -21.68 5.78 14.27
C ALA B 324 -22.57 6.31 13.16
N ALA B 325 -23.87 5.98 13.21
CA ALA B 325 -24.84 6.62 12.32
C ALA B 325 -25.03 8.05 12.82
N SER B 326 -24.49 9.01 12.07
CA SER B 326 -24.65 10.43 12.39
C SER B 326 -25.61 11.10 11.42
N ARG B 327 -26.00 10.35 10.38
CA ARG B 327 -27.01 10.82 9.42
C ARG B 327 -28.09 9.77 9.25
N LEU B 328 -29.33 10.25 9.18
CA LEU B 328 -30.47 9.36 8.93
C LEU B 328 -31.17 9.91 7.72
N ILE B 329 -31.11 9.17 6.62
CA ILE B 329 -31.65 9.63 5.34
C ILE B 329 -32.96 8.88 5.10
N LEU B 330 -34.08 9.60 5.08
CA LEU B 330 -35.40 8.99 4.99
C LEU B 330 -36.11 9.41 3.71
N THR B 331 -36.58 8.42 2.93
CA THR B 331 -37.43 8.73 1.76
C THR B 331 -38.78 9.25 2.23
N GLN B 332 -39.55 9.86 1.31
CA GLN B 332 -40.81 10.55 1.67
C GLN B 332 -41.74 9.68 2.49
N GLY B 333 -42.01 8.47 1.96
CA GLY B 333 -42.87 7.50 2.61
C GLY B 333 -42.36 6.94 3.92
N ALA B 334 -41.06 7.06 4.17
CA ALA B 334 -40.48 6.54 5.41
C ALA B 334 -40.33 7.62 6.46
N TYR B 335 -40.33 8.89 6.05
CA TYR B 335 -39.99 9.99 6.95
C TYR B 335 -40.76 10.02 8.29
N GLU B 336 -42.09 10.24 8.24
CA GLU B 336 -42.88 10.38 9.46
C GLU B 336 -42.85 9.13 10.33
N PRO B 337 -43.19 7.96 9.76
CA PRO B 337 -43.20 6.74 10.57
C PRO B 337 -41.85 6.46 11.24
N VAL B 338 -40.75 6.63 10.50
CA VAL B 338 -39.44 6.31 11.07
C VAL B 338 -39.00 7.34 12.11
N LEU B 339 -39.11 8.62 11.78
CA LEU B 339 -38.71 9.69 12.70
C LEU B 339 -39.47 9.61 14.02
N GLU B 340 -40.79 9.37 13.97
CA GLU B 340 -41.60 9.23 15.19
C GLU B 340 -41.11 8.10 16.09
N ARG B 341 -40.80 6.95 15.49
CA ARG B 341 -40.24 5.81 16.24
C ARG B 341 -38.85 6.07 16.81
N VAL B 342 -37.97 6.67 15.99
CA VAL B 342 -36.64 7.08 16.45
C VAL B 342 -36.78 8.02 17.65
N LEU B 343 -37.66 9.02 17.54
CA LEU B 343 -37.82 9.96 18.64
C LEU B 343 -38.32 9.28 19.92
N LYS B 344 -39.31 8.41 19.80
CA LYS B 344 -39.85 7.71 20.98
C LYS B 344 -38.82 6.84 21.66
N ARG B 345 -37.99 6.17 20.88
CA ARG B 345 -36.97 5.29 21.43
C ARG B 345 -35.84 6.10 22.06
N ALA B 346 -35.41 7.15 21.37
CA ALA B 346 -34.29 7.95 21.82
C ALA B 346 -34.64 8.71 23.11
N GLU B 347 -35.87 9.21 23.20
CA GLU B 347 -36.26 9.98 24.40
C GLU B 347 -36.30 9.14 25.69
N ARG B 348 -36.33 7.82 25.56
CA ARG B 348 -36.27 6.87 26.69
C ARG B 348 -34.85 6.45 27.10
N LEU B 349 -33.82 6.91 26.39
CA LEU B 349 -32.46 6.49 26.71
C LEU B 349 -31.97 7.14 27.99
N SER B 350 -31.36 6.35 28.86
CA SER B 350 -30.81 6.90 30.08
C SER B 350 -29.38 7.41 29.85
N VAL B 351 -29.01 8.44 30.60
CA VAL B 351 -27.65 9.00 30.51
C VAL B 351 -27.19 9.19 31.94
N GLY B 352 -25.99 8.69 32.25
CA GLY B 352 -25.45 8.86 33.60
C GLY B 352 -24.09 8.21 33.76
N PRO B 353 -23.58 8.15 35.00
CA PRO B 353 -22.28 7.53 35.23
C PRO B 353 -22.23 6.12 34.59
N ALA B 354 -21.21 5.90 33.77
CA ALA B 354 -21.03 4.65 33.01
C ALA B 354 -21.09 3.38 33.85
N GLU B 355 -20.58 3.41 35.07
CA GLU B 355 -20.62 2.22 35.92
C GLU B 355 -22.03 1.73 36.29
N GLU B 356 -23.02 2.59 36.15
CA GLU B 356 -24.41 2.18 36.41
C GLU B 356 -25.05 1.53 35.18
N ASN B 357 -24.24 1.29 34.15
CA ASN B 357 -24.70 0.69 32.87
C ASN B 357 -25.90 1.43 32.25
N PRO B 358 -25.78 2.78 32.09
CA PRO B 358 -26.84 3.53 31.43
C PRO B 358 -26.77 3.24 29.93
N ASP B 359 -27.78 3.65 29.18
CA ASP B 359 -27.71 3.59 27.74
C ASP B 359 -26.57 4.47 27.21
N LEU B 360 -26.38 5.64 27.82
CA LEU B 360 -25.22 6.48 27.51
C LEU B 360 -24.49 6.87 28.77
N GLY B 361 -23.18 6.71 28.76
CA GLY B 361 -22.32 7.34 29.74
C GLY B 361 -22.01 8.76 29.30
N PRO B 362 -20.94 9.34 29.84
CA PRO B 362 -20.53 10.72 29.44
C PRO B 362 -19.68 10.66 28.16
N VAL B 363 -19.51 11.81 27.49
CA VAL B 363 -18.44 11.94 26.50
C VAL B 363 -17.08 11.96 27.22
N VAL B 364 -15.99 11.78 26.49
CA VAL B 364 -14.76 11.29 27.12
C VAL B 364 -13.99 12.35 27.92
N SER B 365 -14.19 13.62 27.60
CA SER B 365 -13.37 14.68 28.18
C SER B 365 -14.06 16.01 28.05
N ALA B 366 -13.50 17.00 28.75
CA ALA B 366 -13.97 18.37 28.67
C ALA B 366 -13.88 18.90 27.24
N GLU B 367 -12.83 18.50 26.52
CA GLU B 367 -12.62 18.95 25.15
C GLU B 367 -13.66 18.34 24.22
N GLN B 368 -13.94 17.05 24.38
CA GLN B 368 -15.02 16.42 23.62
C GLN B 368 -16.35 17.11 23.87
N GLU B 369 -16.62 17.42 25.13
CA GLU B 369 -17.87 18.09 25.48
C GLU B 369 -17.97 19.45 24.78
N ARG B 370 -16.89 20.23 24.82
CA ARG B 370 -16.81 21.53 24.17
C ARG B 370 -17.08 21.41 22.66
N LYS B 371 -16.41 20.45 22.01
CA LYS B 371 -16.59 20.21 20.58
C LYS B 371 -18.06 19.84 20.28
N VAL B 372 -18.63 18.88 21.03
CA VAL B 372 -19.99 18.43 20.74
C VAL B 372 -21.01 19.57 20.98
N LEU B 373 -20.87 20.27 22.11
CA LEU B 373 -21.75 21.43 22.37
C LEU B 373 -21.63 22.50 21.28
N SER B 374 -20.42 22.72 20.76
CA SER B 374 -20.24 23.71 19.68
C SER B 374 -20.95 23.33 18.39
N TYR B 375 -20.93 22.04 18.07
CA TYR B 375 -21.66 21.52 16.90
C TYR B 375 -23.15 21.58 17.08
N ILE B 376 -23.61 21.39 18.31
CA ILE B 376 -25.03 21.56 18.65
C ILE B 376 -25.44 23.01 18.36
N GLU B 377 -24.62 23.98 18.79
CA GLU B 377 -24.86 25.40 18.47
C GLU B 377 -24.93 25.67 16.94
N ILE B 378 -23.97 25.12 16.19
CA ILE B 378 -24.00 25.21 14.73
C ILE B 378 -25.30 24.59 14.18
N GLY B 379 -25.62 23.40 14.65
CA GLY B 379 -26.83 22.70 14.23
C GLY B 379 -28.12 23.48 14.43
N LYS B 380 -28.19 24.31 15.47
CA LYS B 380 -29.39 25.13 15.71
C LYS B 380 -29.65 26.15 14.60
N ASN B 381 -28.60 26.56 13.90
CA ASN B 381 -28.77 27.44 12.75
C ASN B 381 -29.03 26.69 11.46
N GLU B 382 -28.71 25.41 11.41
CA GLU B 382 -28.73 24.67 10.15
C GLU B 382 -29.95 23.78 10.03
N GLY B 383 -30.34 23.16 11.13
CA GLY B 383 -31.54 22.32 11.16
C GLY B 383 -32.49 22.68 12.28
N GLN B 384 -33.47 21.80 12.51
CA GLN B 384 -34.47 21.99 13.55
C GLN B 384 -34.14 21.03 14.69
N LEU B 385 -33.77 21.56 15.85
CA LEU B 385 -33.55 20.73 17.03
C LEU B 385 -34.89 20.17 17.52
N VAL B 386 -35.01 18.85 17.59
CA VAL B 386 -36.26 18.21 18.03
C VAL B 386 -36.13 17.28 19.23
N LEU B 387 -34.90 17.00 19.66
CA LEU B 387 -34.67 16.19 20.85
C LEU B 387 -33.29 16.50 21.44
N GLY B 388 -33.22 16.60 22.77
CA GLY B 388 -31.94 16.81 23.47
C GLY B 388 -31.25 18.13 23.19
N GLY B 389 -29.97 18.07 22.84
CA GLY B 389 -29.23 19.26 22.47
C GLY B 389 -28.68 20.01 23.67
N LYS B 390 -28.58 19.33 24.80
CA LYS B 390 -27.98 19.99 25.96
C LYS B 390 -27.20 19.10 26.90
N ARG B 391 -26.33 19.76 27.64
CA ARG B 391 -25.58 19.18 28.72
C ARG B 391 -26.56 18.81 29.84
N LEU B 392 -26.35 17.67 30.47
CA LEU B 392 -27.15 17.24 31.61
C LEU B 392 -26.40 17.50 32.92
N GLU B 393 -27.12 17.46 34.04
CA GLU B 393 -26.57 17.91 35.31
C GLU B 393 -25.54 16.94 35.89
N GLY B 394 -24.49 17.50 36.49
CA GLY B 394 -23.46 16.73 37.20
C GLY B 394 -22.10 17.11 36.64
N GLU B 395 -21.02 16.79 37.35
CA GLU B 395 -19.72 17.19 36.83
C GLU B 395 -19.28 16.32 35.64
N GLY B 396 -19.79 15.09 35.58
CA GLY B 396 -19.50 14.22 34.43
C GLY B 396 -19.98 14.82 33.11
N TYR B 397 -19.33 14.45 32.01
CA TYR B 397 -19.59 15.11 30.72
C TYR B 397 -20.80 14.49 30.01
N PHE B 398 -21.95 14.62 30.67
CA PHE B 398 -23.20 14.04 30.18
C PHE B 398 -23.90 14.96 29.16
N ILE B 399 -24.10 14.42 27.96
CA ILE B 399 -24.81 15.12 26.90
C ILE B 399 -26.01 14.29 26.47
N ALA B 400 -27.17 14.95 26.36
CA ALA B 400 -28.41 14.28 25.92
C ALA B 400 -28.34 13.76 24.48
N PRO B 401 -28.93 12.58 24.24
CA PRO B 401 -29.17 12.11 22.87
C PRO B 401 -29.87 13.22 22.08
N THR B 402 -29.25 13.63 20.98
CA THR B 402 -29.67 14.85 20.25
C THR B 402 -30.13 14.50 18.84
N VAL B 403 -31.23 15.10 18.38
CA VAL B 403 -31.72 14.88 17.00
C VAL B 403 -32.06 16.22 16.33
N PHE B 404 -31.48 16.46 15.15
CA PHE B 404 -31.88 17.58 14.29
C PHE B 404 -32.60 17.03 13.06
N THR B 405 -33.69 17.69 12.67
CA THR B 405 -34.41 17.30 11.45
C THR B 405 -34.34 18.41 10.41
N GLU B 406 -34.91 18.14 9.23
CA GLU B 406 -34.84 19.06 8.08
C GLU B 406 -33.42 19.63 7.89
N VAL B 407 -32.43 18.73 7.96
CA VAL B 407 -31.05 19.14 7.81
C VAL B 407 -30.68 19.15 6.32
N PRO B 408 -30.19 20.30 5.80
CA PRO B 408 -29.71 20.31 4.42
C PRO B 408 -28.48 19.38 4.27
N PRO B 409 -28.43 18.58 3.18
CA PRO B 409 -27.35 17.63 2.91
C PRO B 409 -25.98 18.26 3.01
N LYS B 410 -25.86 19.54 2.68
CA LYS B 410 -24.55 20.18 2.67
C LYS B 410 -24.25 21.02 3.94
N ALA B 411 -25.12 20.90 4.93
CA ALA B 411 -24.88 21.55 6.22
C ALA B 411 -23.64 21.01 6.89
N ARG B 412 -22.95 21.87 7.65
CA ARG B 412 -21.82 21.46 8.46
C ARG B 412 -22.12 20.22 9.33
N ILE B 413 -23.27 20.19 9.99
CA ILE B 413 -23.68 19.01 10.80
C ILE B 413 -24.00 17.75 9.96
N ALA B 414 -24.21 17.94 8.65
CA ALA B 414 -24.42 16.82 7.72
C ALA B 414 -23.15 16.37 6.98
N GLN B 415 -22.04 17.02 7.28
CA GLN B 415 -20.78 16.80 6.57
C GLN B 415 -19.60 16.52 7.48
N GLU B 416 -19.59 17.15 8.66
CA GLU B 416 -18.44 17.12 9.56
C GLU B 416 -18.63 16.11 10.68
N GLU B 417 -17.57 15.37 10.98
CA GLU B 417 -17.63 14.33 12.00
C GLU B 417 -17.71 14.95 13.40
N ILE B 418 -18.87 14.81 14.03
CA ILE B 418 -19.10 15.42 15.37
C ILE B 418 -18.57 14.52 16.49
N PHE B 419 -18.68 13.20 16.29
CA PHE B 419 -18.17 12.22 17.25
C PHE B 419 -18.85 12.33 18.62
N GLY B 420 -20.15 12.60 18.61
CA GLY B 420 -20.96 12.67 19.84
C GLY B 420 -22.38 12.20 19.54
N PRO B 421 -23.28 12.24 20.55
CA PRO B 421 -24.64 11.70 20.39
C PRO B 421 -25.57 12.65 19.60
N VAL B 422 -25.23 12.89 18.34
CA VAL B 422 -25.96 13.88 17.54
C VAL B 422 -26.31 13.31 16.17
N LEU B 423 -27.60 13.17 15.91
CA LEU B 423 -28.10 12.60 14.65
C LEU B 423 -28.80 13.69 13.83
N SER B 424 -28.46 13.73 12.53
CA SER B 424 -29.00 14.68 11.56
C SER B 424 -29.92 13.92 10.63
N VAL B 425 -31.16 14.35 10.56
CA VAL B 425 -32.16 13.62 9.79
C VAL B 425 -32.38 14.39 8.51
N ILE B 426 -32.20 13.69 7.39
CA ILE B 426 -32.31 14.29 6.07
C ILE B 426 -33.44 13.63 5.26
N ARG B 427 -34.32 14.46 4.70
CA ARG B 427 -35.49 13.97 4.01
C ARG B 427 -35.18 13.99 2.52
N VAL B 428 -35.49 12.90 1.80
CA VAL B 428 -35.20 12.82 0.38
C VAL B 428 -36.41 12.27 -0.33
N LYS B 429 -36.41 12.42 -1.65
CA LYS B 429 -37.60 12.07 -2.44
C LYS B 429 -37.74 10.56 -2.59
N ASP B 430 -36.65 9.88 -2.96
CA ASP B 430 -36.72 8.45 -3.28
C ASP B 430 -35.38 7.74 -3.03
N PHE B 431 -35.29 6.47 -3.40
CA PHE B 431 -34.07 5.73 -3.11
C PHE B 431 -32.84 6.25 -3.86
N ALA B 432 -33.03 6.68 -5.12
CA ALA B 432 -31.93 7.23 -5.91
C ALA B 432 -31.31 8.47 -5.24
N GLU B 433 -32.18 9.36 -4.78
CA GLU B 433 -31.73 10.55 -4.07
C GLU B 433 -31.10 10.18 -2.74
N ALA B 434 -31.61 9.14 -2.08
CA ALA B 434 -31.04 8.68 -0.82
C ALA B 434 -29.59 8.24 -1.03
N LEU B 435 -29.34 7.55 -2.14
CA LEU B 435 -27.96 7.13 -2.45
C LEU B 435 -27.07 8.33 -2.75
N GLU B 436 -27.61 9.26 -3.53
CA GLU B 436 -26.86 10.48 -3.84
C GLU B 436 -26.48 11.21 -2.56
N VAL B 437 -27.41 11.32 -1.63
CA VAL B 437 -27.14 12.07 -0.39
C VAL B 437 -26.17 11.27 0.48
N ALA B 438 -26.36 9.95 0.52
CA ALA B 438 -25.44 9.07 1.30
C ALA B 438 -23.98 9.21 0.82
N ASN B 439 -23.80 9.31 -0.50
CA ASN B 439 -22.48 9.36 -1.12
C ASN B 439 -21.77 10.71 -1.10
N ASP B 440 -22.55 11.78 -0.96
CA ASP B 440 -22.00 13.11 -1.09
C ASP B 440 -21.49 13.64 0.25
N THR B 441 -20.42 13.03 0.73
CA THR B 441 -19.59 13.54 1.85
C THR B 441 -18.15 13.18 1.48
N PRO B 442 -17.15 13.77 2.15
CA PRO B 442 -15.76 13.40 1.82
C PRO B 442 -15.37 11.98 2.29
N TYR B 443 -16.30 11.28 2.96
CA TYR B 443 -15.97 10.08 3.76
C TYR B 443 -16.56 8.83 3.12
N GLY B 444 -16.26 7.66 3.71
CA GLY B 444 -16.82 6.41 3.15
C GLY B 444 -16.53 5.21 4.02
N LEU B 445 -16.91 5.31 5.31
CA LEU B 445 -16.57 4.25 6.24
C LEU B 445 -17.69 3.25 6.39
N THR B 446 -18.77 3.64 7.09
CA THR B 446 -19.91 2.75 7.25
C THR B 446 -21.17 3.36 6.68
N GLY B 447 -22.15 2.50 6.41
CA GLY B 447 -23.45 2.94 5.97
C GLY B 447 -24.39 1.76 6.14
N GLY B 448 -25.69 2.05 6.09
CA GLY B 448 -26.69 1.01 6.17
C GLY B 448 -27.95 1.36 5.42
N VAL B 449 -28.72 0.32 5.11
CA VAL B 449 -30.01 0.49 4.44
C VAL B 449 -31.02 -0.42 5.15
N TYR B 450 -32.14 0.16 5.57
CA TYR B 450 -33.31 -0.62 5.98
C TYR B 450 -34.33 -0.58 4.85
N SER B 451 -34.68 -1.75 4.31
CA SER B 451 -35.57 -1.86 3.15
C SER B 451 -35.91 -3.31 3.00
N ARG B 452 -37.12 -3.62 2.53
CA ARG B 452 -37.42 -5.00 2.13
C ARG B 452 -37.28 -5.21 0.62
N LYS B 453 -37.04 -4.14 -0.13
CA LYS B 453 -37.02 -4.23 -1.58
C LYS B 453 -35.66 -4.76 -2.02
N ARG B 454 -35.63 -5.94 -2.63
CA ARG B 454 -34.34 -6.57 -3.02
C ARG B 454 -33.53 -5.69 -3.97
N GLU B 455 -34.24 -5.04 -4.89
CA GLU B 455 -33.60 -4.21 -5.90
C GLU B 455 -32.89 -3.01 -5.30
N HIS B 456 -33.45 -2.43 -4.25
CA HIS B 456 -32.81 -1.33 -3.51
C HIS B 456 -31.59 -1.82 -2.74
N LEU B 457 -31.72 -2.95 -2.03
CA LEU B 457 -30.57 -3.54 -1.33
C LEU B 457 -29.42 -3.83 -2.30
N GLU B 458 -29.72 -4.51 -3.41
CA GLU B 458 -28.63 -4.93 -4.30
C GLU B 458 -28.03 -3.72 -5.04
N TRP B 459 -28.85 -2.68 -5.25
CA TRP B 459 -28.37 -1.41 -5.80
C TRP B 459 -27.37 -0.75 -4.85
N ALA B 460 -27.70 -0.75 -3.55
CA ALA B 460 -26.83 -0.16 -2.54
C ALA B 460 -25.54 -0.98 -2.44
N ARG B 461 -25.66 -2.31 -2.56
CA ARG B 461 -24.46 -3.15 -2.56
C ARG B 461 -23.44 -2.66 -3.58
N ARG B 462 -23.94 -2.27 -4.74
CA ARG B 462 -23.11 -1.80 -5.85
C ARG B 462 -22.75 -0.34 -5.73
N GLU B 463 -23.64 0.50 -5.19
CA GLU B 463 -23.46 1.98 -5.32
C GLU B 463 -23.36 2.85 -4.06
N PHE B 464 -23.68 2.29 -2.89
CA PHE B 464 -23.50 2.99 -1.61
C PHE B 464 -22.02 2.81 -1.28
N HIS B 465 -21.25 3.85 -1.57
CA HIS B 465 -19.78 3.78 -1.61
C HIS B 465 -19.14 3.95 -0.21
N VAL B 466 -19.26 2.89 0.58
CA VAL B 466 -18.69 2.81 1.92
C VAL B 466 -18.00 1.45 2.08
N GLY B 467 -16.95 1.40 2.88
CA GLY B 467 -16.17 0.19 3.07
C GLY B 467 -16.89 -0.91 3.82
N ASN B 468 -17.82 -0.51 4.70
CA ASN B 468 -18.58 -1.48 5.50
C ASN B 468 -20.05 -1.11 5.47
N LEU B 469 -20.82 -1.93 4.75
CA LEU B 469 -22.22 -1.63 4.50
C LEU B 469 -23.06 -2.76 5.13
N TYR B 470 -24.15 -2.39 5.79
CA TYR B 470 -25.01 -3.35 6.51
C TYR B 470 -26.45 -3.15 6.12
N PHE B 471 -27.15 -4.25 5.87
CA PHE B 471 -28.57 -4.22 5.50
C PHE B 471 -29.45 -4.75 6.63
N ASN B 472 -30.44 -3.95 7.02
CA ASN B 472 -31.46 -4.32 8.03
C ASN B 472 -30.87 -4.70 9.39
N ARG B 473 -29.84 -3.97 9.79
CA ARG B 473 -29.16 -4.15 11.08
C ARG B 473 -28.28 -2.94 11.36
N LYS B 474 -27.80 -2.83 12.59
CA LYS B 474 -26.95 -1.70 13.01
C LYS B 474 -25.69 -1.59 12.14
N ILE B 475 -25.09 -0.41 12.08
CA ILE B 475 -23.93 -0.20 11.20
C ILE B 475 -22.64 -0.10 11.99
N THR B 476 -22.73 -0.36 13.28
CA THR B 476 -21.57 -0.36 14.15
C THR B 476 -21.21 -1.79 14.55
N GLY B 477 -20.07 -1.94 15.21
CA GLY B 477 -19.72 -3.21 15.83
C GLY B 477 -19.24 -4.25 14.85
N ALA B 478 -18.49 -3.83 13.83
CA ALA B 478 -17.91 -4.77 12.87
C ALA B 478 -17.14 -5.87 13.63
N LEU B 479 -17.44 -7.14 13.32
CA LEU B 479 -16.74 -8.25 13.97
C LEU B 479 -15.48 -8.70 13.21
N VAL B 480 -14.38 -8.82 13.94
CA VAL B 480 -13.13 -9.38 13.41
C VAL B 480 -13.41 -10.66 12.62
N GLY B 481 -12.84 -10.74 11.42
CA GLY B 481 -12.91 -11.98 10.60
C GLY B 481 -14.17 -11.99 9.76
N VAL B 482 -15.27 -11.53 10.35
CA VAL B 482 -16.59 -11.60 9.70
C VAL B 482 -16.77 -10.42 8.71
N GLN B 483 -16.46 -9.23 9.19
CA GLN B 483 -16.62 -8.00 8.44
C GLN B 483 -15.31 -7.21 8.42
N PRO B 484 -14.41 -7.50 7.46
CA PRO B 484 -13.20 -6.67 7.27
C PRO B 484 -13.51 -5.18 7.41
N PHE B 485 -12.75 -4.47 8.26
CA PHE B 485 -13.18 -3.13 8.64
C PHE B 485 -12.28 -2.01 8.12
N GLY B 486 -12.84 -1.10 7.33
CA GLY B 486 -12.01 -0.04 6.79
C GLY B 486 -12.73 0.58 5.66
N GLY B 487 -12.37 1.84 5.35
CA GLY B 487 -13.19 2.67 4.47
C GLY B 487 -12.56 3.13 3.18
N PHE B 488 -13.26 4.08 2.54
CA PHE B 488 -12.92 4.67 1.26
C PHE B 488 -12.76 6.17 1.46
N LYS B 489 -12.20 6.84 0.45
CA LYS B 489 -12.19 8.28 0.42
C LYS B 489 -11.51 8.82 1.67
N LEU B 490 -12.07 9.85 2.30
CA LEU B 490 -11.33 10.43 3.43
C LEU B 490 -11.51 9.69 4.77
N SER B 491 -12.09 8.49 4.71
CA SER B 491 -12.10 7.59 5.86
C SER B 491 -10.80 6.80 5.97
N GLY B 492 -9.88 7.01 5.03
CA GLY B 492 -8.51 6.49 5.15
C GLY B 492 -8.01 5.63 4.00
N THR B 493 -7.04 4.76 4.30
CA THR B 493 -6.34 4.03 3.25
C THR B 493 -6.88 2.63 2.97
N ASN B 494 -8.07 2.33 3.52
CA ASN B 494 -8.70 1.00 3.30
C ASN B 494 -7.84 -0.17 3.79
N ALA B 495 -7.11 0.03 4.89
CA ALA B 495 -6.41 -1.07 5.54
C ALA B 495 -7.46 -1.88 6.29
N LYS B 496 -7.88 -3.01 5.74
CA LYS B 496 -8.99 -3.80 6.31
C LYS B 496 -8.56 -4.58 7.55
N THR B 497 -8.96 -4.11 8.73
CA THR B 497 -8.63 -4.78 9.99
C THR B 497 -9.51 -6.01 10.12
N GLY B 498 -9.04 -6.99 10.89
CA GLY B 498 -9.78 -8.26 11.06
C GLY B 498 -9.94 -9.05 9.75
N ALA B 499 -8.98 -8.90 8.85
CA ALA B 499 -8.99 -9.54 7.54
C ALA B 499 -7.59 -10.04 7.20
N LEU B 500 -7.53 -11.12 6.40
CA LEU B 500 -6.27 -11.67 5.92
C LEU B 500 -5.38 -10.61 5.30
N ASP B 501 -5.97 -9.74 4.49
CA ASP B 501 -5.24 -8.66 3.80
C ASP B 501 -4.47 -7.71 4.69
N TYR B 502 -4.87 -7.58 5.95
CA TYR B 502 -4.27 -6.58 6.83
C TYR B 502 -2.77 -6.85 6.98
N LEU B 503 -2.41 -8.12 7.17
CA LEU B 503 -1.02 -8.46 7.49
C LEU B 503 -0.05 -8.24 6.33
N ARG B 504 -0.56 -8.36 5.10
CA ARG B 504 0.21 -8.06 3.89
C ARG B 504 0.77 -6.63 3.89
N LEU B 505 0.04 -5.71 4.48
CA LEU B 505 0.50 -4.31 4.60
C LEU B 505 1.80 -4.13 5.36
N PHE B 506 2.13 -5.11 6.17
CA PHE B 506 3.30 -5.05 7.06
C PHE B 506 4.43 -6.00 6.61
N LEU B 507 4.39 -6.39 5.34
CA LEU B 507 5.35 -7.33 4.77
C LEU B 507 5.87 -6.75 3.45
N GLU B 508 7.09 -7.12 3.11
CA GLU B 508 7.58 -6.93 1.76
C GLU B 508 8.00 -8.30 1.21
N MET B 509 8.11 -8.41 -0.10
CA MET B 509 8.40 -9.70 -0.77
C MET B 509 9.81 -9.76 -1.36
N LYS B 510 10.44 -10.94 -1.22
CA LYS B 510 11.75 -11.21 -1.78
C LYS B 510 11.61 -12.39 -2.73
N ALA B 511 12.30 -12.31 -3.85
CA ALA B 511 12.28 -13.33 -4.89
C ALA B 511 13.70 -13.84 -5.08
N VAL B 512 13.94 -15.12 -4.80
CA VAL B 512 15.31 -15.66 -4.86
C VAL B 512 15.39 -16.86 -5.82
N ALA B 513 16.23 -16.76 -6.85
CA ALA B 513 16.39 -17.82 -7.85
C ALA B 513 17.75 -18.48 -7.71
N GLU B 514 17.79 -19.80 -7.76
CA GLU B 514 19.08 -20.50 -7.87
C GLU B 514 19.10 -21.30 -9.15
N ARG B 515 20.14 -21.08 -9.97
CA ARG B 515 20.32 -21.86 -11.20
C ARG B 515 21.30 -22.96 -10.89
N PHE B 516 20.85 -24.21 -10.97
CA PHE B 516 21.68 -25.35 -10.56
C PHE B 516 22.71 -25.78 -11.57
C ACT C . 16.17 -10.17 3.40
O ACT C . 16.04 -9.20 4.16
OXT ACT C . 16.84 -9.93 2.39
CH3 ACT C . 15.58 -11.52 3.70
NA NA D . 14.48 7.93 -29.48
N ALA E . 12.68 -6.41 -15.04
CA ALA E . 13.95 -5.90 -15.70
C ALA E . 15.10 -6.87 -15.39
O ALA E . 14.96 -7.72 -14.48
CB ALA E . 14.29 -4.47 -15.20
OXT ALA E . 16.14 -6.86 -16.07
C1 MPD F . -2.15 -15.90 -12.53
C2 MPD F . -1.48 -17.19 -12.94
O2 MPD F . -2.46 -18.11 -13.47
CM MPD F . -0.51 -16.89 -14.07
C3 MPD F . -0.80 -17.75 -11.69
C4 MPD F . -0.09 -19.08 -11.89
O4 MPD F . 0.73 -19.26 -10.76
C5 MPD F . -1.10 -20.23 -11.88
C1 MPD G . 27.42 -11.86 -25.74
C2 MPD G . 26.57 -11.26 -24.62
O2 MPD G . 27.37 -11.33 -23.40
CM MPD G . 25.30 -12.09 -24.45
C3 MPD G . 26.26 -9.79 -24.90
C4 MPD G . 25.87 -9.02 -23.63
O4 MPD G . 24.52 -9.30 -23.30
C5 MPD G . 26.07 -7.53 -23.79
C1 MPD H . 8.55 15.31 -10.99
C2 MPD H . 7.07 15.34 -11.38
O2 MPD H . 6.78 16.54 -12.15
CM MPD H . 6.23 15.37 -10.10
C3 MPD H . 6.67 14.12 -12.23
C4 MPD H . 7.19 14.13 -13.68
O4 MPD H . 6.59 15.15 -14.47
C5 MPD H . 6.90 12.78 -14.33
C1 MPD I . 27.18 13.30 -12.20
C2 MPD I . 25.79 13.72 -12.69
O2 MPD I . 25.69 15.15 -12.58
CM MPD I . 25.65 13.36 -14.16
C3 MPD I . 24.60 13.09 -11.95
C4 MPD I . 24.53 13.22 -10.42
O4 MPD I . 25.15 14.39 -9.94
C5 MPD I . 23.08 13.20 -9.94
C1 MPD J . -10.49 17.96 3.83
C2 MPD J . -11.95 18.40 3.62
O2 MPD J . -12.21 19.53 4.48
CM MPD J . -12.89 17.29 4.07
C3 MPD J . -12.24 18.91 2.19
C4 MPD J . -12.14 17.92 1.03
O4 MPD J . -10.88 18.01 0.39
C5 MPD J . -13.21 18.23 -0.01
C1 MPD K . -9.87 -19.55 8.06
C2 MPD K . -10.20 -18.07 8.33
O2 MPD K . -10.91 -17.55 7.20
CM MPD K . -11.14 -17.99 9.53
C3 MPD K . -8.95 -17.22 8.57
C4 MPD K . -8.44 -17.32 9.99
O4 MPD K . -7.91 -18.62 10.18
C5 MPD K . -7.37 -16.27 10.23
C1 MPD L . -4.03 -13.77 -5.40
C2 MPD L . -4.86 -14.41 -4.31
O2 MPD L . -5.16 -15.77 -4.76
CM MPD L . -4.04 -14.47 -3.01
C3 MPD L . -6.17 -13.62 -4.18
C4 MPD L . -6.92 -13.66 -2.86
O4 MPD L . -8.00 -12.76 -2.97
C5 MPD L . -7.47 -15.03 -2.51
C ACT M . -18.97 0.43 -4.20
O ACT M . -19.49 0.85 -3.16
OXT ACT M . -18.27 1.26 -4.80
CH3 ACT M . -19.14 -0.99 -4.72
NA NA N . -10.01 9.23 31.02
N ALA O . -14.91 -1.33 14.36
CA ALA O . -15.75 -0.34 15.08
C ALA O . -17.21 -0.48 14.65
O ALA O . -17.49 -1.08 13.59
CB ALA O . -15.25 1.09 14.83
OXT ALA O . -18.10 0.02 15.37
C1 MPD P . 18.54 10.15 -1.31
C2 MPD P . 20.01 9.80 -1.09
O2 MPD P . 20.75 10.90 -1.68
CM MPD P . 20.39 8.54 -1.87
C3 MPD P . 20.44 9.78 0.38
C4 MPD P . 19.73 8.83 1.34
O4 MPD P . 18.70 9.50 2.04
C5 MPD P . 20.75 8.30 2.34
C1 MPD Q . 0.21 -15.57 0.77
C2 MPD Q . -1.30 -15.59 0.47
O2 MPD Q . -1.64 -14.38 -0.25
CM MPD Q . -1.67 -16.76 -0.43
C3 MPD Q . -2.09 -15.67 1.77
C4 MPD Q . -3.34 -14.80 1.76
O4 MPD Q . -4.20 -15.17 0.70
C5 MPD Q . -4.08 -14.92 3.09
C1 MPD R . 2.17 14.23 13.02
C2 MPD R . 1.34 14.53 14.26
O2 MPD R . 2.24 15.09 15.27
CM MPD R . 0.28 15.56 13.90
C3 MPD R . 0.63 13.27 14.76
C4 MPD R . 0.82 12.79 16.20
O4 MPD R . 1.26 13.79 17.10
C5 MPD R . -0.47 12.19 16.76
C1 MPD S . -21.74 9.16 42.73
C2 MPD S . -20.94 8.31 41.74
O2 MPD S . -21.33 8.67 40.41
CM MPD S . -19.46 8.62 41.89
C3 MPD S . -21.13 6.82 41.98
C4 MPD S . -22.43 6.25 41.44
O4 MPD S . -22.49 6.27 40.02
C5 MPD S . -22.61 4.81 41.90
C1 MPD T . -30.56 0.81 24.41
C2 MPD T . -30.00 0.58 23.01
O2 MPD T . -29.14 -0.61 23.05
CM MPD T . -31.17 0.33 22.05
C3 MPD T . -29.22 1.81 22.52
C4 MPD T . -27.83 1.93 23.13
O4 MPD T . -26.94 1.05 22.45
C5 MPD T . -27.33 3.36 23.05
C1 MPD U . 5.37 -3.92 37.32
C2 MPD U . 5.57 -2.46 37.73
O2 MPD U . 5.21 -2.37 39.13
CM MPD U . 7.03 -2.08 37.61
C3 MPD U . 4.71 -1.50 36.90
C4 MPD U . 3.34 -2.08 36.58
O4 MPD U . 2.63 -2.18 37.79
C5 MPD U . 2.55 -1.23 35.59
#